data_4OAT
#
_entry.id   4OAT
#
_cell.length_a   97.912
_cell.length_b   101.179
_cell.length_c   149.577
_cell.angle_alpha   90.00
_cell.angle_beta   90.00
_cell.angle_gamma   90.00
#
_symmetry.space_group_name_H-M   'C 2 2 21'
#
loop_
_entity.id
_entity.type
_entity.pdbx_description
1 polymer 'Amino acid/amide ABC transporter substrate-binding protein, HAAT family'
2 non-polymer ISOLEUCINE
3 non-polymer 'CHLORIDE ION'
4 non-polymer 'MAGNESIUM ION'
5 water water
#
_entity_poly.entity_id   1
_entity_poly.type   'polypeptide(L)'
_entity_poly.pdbx_seq_one_letter_code
;SNATNTDTNSTNNSPNNTTNTTTNVTTTSDKNTIPIGIALAQTSNVALLGQEQVAGAKIAEKYFNDKGGVNGTPIKLIFQ
DTAGDEAGTINAFQTLINKDKVVGIVGPTLSQQAFSANPIAERAKVPVVGPSNTAKGIPEIGDYVARVSAPVSVVAPNSV
KAALKQNPNIKKVAVFFAQNDAFSKSETEIFQQTVKDQGLELVTVQKFQTTDTDFQSQATNAINLKPDLVIISGLAADGG
NLVRQLRELGYQGAIIGGDGLNTSNVFAVCKALCDGVLIAQAYSPEYTGEINKAFRQAYVDQYKKEPPQFSAQAFAAVQV
YVESLKALDTKNKVSKIQLPELRTELNKQLLTGKYNTPLGEISFTPIGEVVQKDFYVAQIK(MSE)EKDGSQGKFTFLK
;
_entity_poly.pdbx_strand_id   A,B
#
loop_
_chem_comp.id
_chem_comp.type
_chem_comp.name
_chem_comp.formula
CL non-polymer 'CHLORIDE ION' 'Cl -1'
MG non-polymer 'MAGNESIUM ION' 'Mg 2'
#
# COMPACT_ATOMS: atom_id res chain seq x y z
N ASN A 32 21.57 17.21 -27.31
CA ASN A 32 21.30 16.01 -26.53
C ASN A 32 21.22 16.28 -25.03
N THR A 33 20.20 15.73 -24.39
CA THR A 33 19.99 15.93 -22.97
C THR A 33 19.54 14.62 -22.33
N ILE A 34 19.61 14.55 -21.01
CA ILE A 34 19.18 13.37 -20.26
C ILE A 34 17.85 13.66 -19.58
N PRO A 35 16.80 12.92 -19.95
CA PRO A 35 15.46 13.21 -19.43
C PRO A 35 15.21 12.62 -18.05
N ILE A 36 14.78 13.47 -17.12
CA ILE A 36 14.41 13.05 -15.79
C ILE A 36 12.96 13.46 -15.58
N GLY A 37 12.11 12.51 -15.19
CA GLY A 37 10.70 12.81 -15.05
C GLY A 37 10.37 13.41 -13.70
N ILE A 38 9.48 14.40 -13.71
CA ILE A 38 9.00 15.02 -12.48
C ILE A 38 7.48 14.81 -12.48
N ALA A 39 7.01 13.97 -11.56
CA ALA A 39 5.59 13.62 -11.47
C ALA A 39 5.07 14.12 -10.14
N LEU A 40 4.55 15.35 -10.13
CA LEU A 40 4.10 16.01 -8.92
C LEU A 40 2.70 16.57 -9.14
N ALA A 41 2.02 16.92 -8.05
CA ALA A 41 0.70 17.51 -8.14
C ALA A 41 0.83 18.99 -8.52
N GLN A 42 0.57 19.28 -9.79
CA GLN A 42 0.61 20.65 -10.29
C GLN A 42 -0.79 21.26 -10.37
N THR A 43 -1.82 20.42 -10.26
CA THR A 43 -3.21 20.84 -10.19
C THR A 43 -3.88 20.08 -9.06
N SER A 44 -5.12 20.49 -8.74
CA SER A 44 -5.92 20.01 -7.61
C SER A 44 -5.48 20.66 -6.30
N ASN A 45 -6.25 20.46 -5.24
CA ASN A 45 -5.80 20.96 -3.94
C ASN A 45 -4.50 20.34 -3.45
N VAL A 46 -4.11 19.19 -4.03
CA VAL A 46 -2.83 18.60 -3.67
C VAL A 46 -1.67 19.49 -4.16
N ALA A 47 -1.94 20.33 -5.16
CA ALA A 47 -0.93 21.29 -5.63
C ALA A 47 -0.59 22.37 -4.62
N LEU A 48 -1.40 22.52 -3.56
CA LEU A 48 -1.01 23.40 -2.47
C LEU A 48 0.27 22.92 -1.80
N LEU A 49 0.57 21.64 -1.96
CA LEU A 49 1.83 21.03 -1.52
C LEU A 49 2.78 20.86 -2.70
N GLY A 50 2.25 20.37 -3.81
CA GLY A 50 3.08 20.06 -4.96
C GLY A 50 3.78 21.25 -5.62
N GLN A 51 3.14 22.41 -5.61
CA GLN A 51 3.76 23.54 -6.31
C GLN A 51 5.08 23.98 -5.66
N GLU A 52 5.20 23.83 -4.34
CA GLU A 52 6.47 24.13 -3.69
C GLU A 52 7.57 23.15 -4.13
N GLN A 53 7.17 21.90 -4.35
CA GLN A 53 8.10 20.89 -4.84
C GLN A 53 8.53 21.24 -6.27
N VAL A 54 7.59 21.62 -7.11
CA VAL A 54 7.91 22.05 -8.47
C VAL A 54 8.93 23.19 -8.45
N ALA A 55 8.71 24.17 -7.58
CA ALA A 55 9.63 25.30 -7.46
C ALA A 55 11.06 24.83 -7.14
N GLY A 56 11.20 23.90 -6.21
CA GLY A 56 12.50 23.39 -5.84
C GLY A 56 13.16 22.62 -6.99
N ALA A 57 12.37 21.82 -7.70
CA ALA A 57 12.88 21.07 -8.83
C ALA A 57 13.40 22.02 -9.93
N LYS A 58 12.69 23.11 -10.19
CA LYS A 58 13.12 24.05 -11.22
C LYS A 58 14.40 24.78 -10.81
N ILE A 59 14.52 25.11 -9.54
CA ILE A 59 15.76 25.71 -9.03
C ILE A 59 16.92 24.73 -9.21
N ALA A 60 16.68 23.46 -8.93
CA ALA A 60 17.70 22.43 -9.13
C ALA A 60 18.11 22.31 -10.59
N GLU A 61 17.14 22.31 -11.51
CA GLU A 61 17.48 22.17 -12.93
C GLU A 61 18.48 23.24 -13.36
N LYS A 62 18.20 24.49 -12.98
CA LYS A 62 19.10 25.58 -13.32
C LYS A 62 20.45 25.45 -12.62
N TYR A 63 20.43 25.15 -11.32
CA TYR A 63 21.66 25.00 -10.55
C TYR A 63 22.58 23.96 -11.17
N PHE A 64 22.04 22.78 -11.49
CA PHE A 64 22.86 21.69 -12.01
C PHE A 64 23.23 21.89 -13.47
N ASN A 65 22.33 22.44 -14.28
CA ASN A 65 22.70 22.69 -15.66
C ASN A 65 23.74 23.80 -15.80
N ASP A 66 23.68 24.79 -14.92
CA ASP A 66 24.69 25.85 -14.91
C ASP A 66 26.08 25.29 -14.54
N LYS A 67 26.09 24.14 -13.87
CA LYS A 67 27.34 23.46 -13.55
C LYS A 67 27.70 22.38 -14.57
N GLY A 68 27.02 22.40 -15.72
CA GLY A 68 27.33 21.50 -16.81
C GLY A 68 26.52 20.21 -16.84
N GLY A 69 25.48 20.11 -16.04
CA GLY A 69 24.63 18.94 -16.08
C GLY A 69 25.38 17.69 -15.66
N VAL A 70 25.31 16.66 -16.51
CA VAL A 70 25.98 15.39 -16.24
C VAL A 70 27.24 15.35 -17.08
N ASN A 71 28.35 15.78 -16.50
CA ASN A 71 29.64 15.78 -17.20
C ASN A 71 29.57 16.47 -18.55
N GLY A 72 28.80 17.56 -18.62
CA GLY A 72 28.69 18.33 -19.84
C GLY A 72 27.36 18.17 -20.55
N THR A 73 26.66 17.06 -20.29
CA THR A 73 25.36 16.82 -20.93
C THR A 73 24.24 17.39 -20.05
N PRO A 74 23.48 18.36 -20.57
CA PRO A 74 22.41 18.92 -19.72
C PRO A 74 21.36 17.87 -19.36
N ILE A 75 20.76 18.03 -18.20
CA ILE A 75 19.53 17.31 -17.90
C ILE A 75 18.36 18.09 -18.47
N LYS A 76 17.25 17.39 -18.67
CA LYS A 76 16.00 18.02 -19.03
C LYS A 76 14.93 17.43 -18.12
N LEU A 77 14.36 18.29 -17.27
CA LEU A 77 13.24 17.85 -16.44
C LEU A 77 11.99 17.85 -17.28
N ILE A 78 11.28 16.72 -17.28
CA ILE A 78 10.05 16.57 -18.00
C ILE A 78 8.93 16.46 -16.97
N PHE A 79 8.09 17.48 -16.93
CA PHE A 79 7.00 17.52 -15.95
C PHE A 79 5.72 16.88 -16.48
N GLN A 80 5.18 15.93 -15.72
N GLN A 80 5.18 15.97 -15.68
CA GLN A 80 3.86 15.38 -16.01
CA GLN A 80 3.89 15.37 -15.99
C GLN A 80 3.05 15.48 -14.73
C GLN A 80 3.02 15.44 -14.73
N ASP A 81 2.01 16.32 -14.78
CA ASP A 81 1.12 16.54 -13.65
C ASP A 81 0.42 15.25 -13.26
N THR A 82 0.43 14.94 -11.97
CA THR A 82 -0.30 13.78 -11.44
C THR A 82 -1.75 14.08 -11.06
N ALA A 83 -2.08 15.36 -10.97
CA ALA A 83 -3.29 15.81 -10.29
C ALA A 83 -3.33 15.23 -8.87
N GLY A 84 -4.53 15.04 -8.32
CA GLY A 84 -4.62 14.78 -6.90
C GLY A 84 -4.97 13.37 -6.48
N ASP A 85 -5.07 12.45 -7.42
CA ASP A 85 -5.49 11.09 -7.10
C ASP A 85 -4.50 10.02 -7.58
N GLU A 86 -4.86 8.75 -7.40
CA GLU A 86 -3.99 7.65 -7.77
C GLU A 86 -3.95 7.44 -9.28
N ALA A 87 -5.12 7.46 -9.92
CA ALA A 87 -5.19 7.25 -11.36
C ALA A 87 -4.34 8.26 -12.12
N GLY A 88 -4.38 9.53 -11.69
CA GLY A 88 -3.60 10.56 -12.34
C GLY A 88 -2.10 10.33 -12.16
N THR A 89 -1.72 9.78 -11.01
CA THR A 89 -0.31 9.49 -10.75
C THR A 89 0.19 8.31 -11.61
N ILE A 90 -0.62 7.26 -11.67
CA ILE A 90 -0.32 6.13 -12.54
C ILE A 90 -0.17 6.58 -13.99
N ASN A 91 -1.09 7.43 -14.45
N ASN A 91 -1.08 7.43 -14.45
CA ASN A 91 -1.03 7.94 -15.81
CA ASN A 91 -1.01 7.93 -15.82
C ASN A 91 0.25 8.74 -16.04
C ASN A 91 0.25 8.76 -16.06
N ALA A 92 0.58 9.62 -15.10
CA ALA A 92 1.79 10.42 -15.20
C ALA A 92 3.04 9.54 -15.28
N PHE A 93 3.13 8.56 -14.38
CA PHE A 93 4.29 7.67 -14.38
C PHE A 93 4.38 6.92 -15.72
N GLN A 94 3.25 6.39 -16.19
CA GLN A 94 3.27 5.61 -17.43
C GLN A 94 3.68 6.47 -18.64
N THR A 95 3.20 7.70 -18.68
CA THR A 95 3.58 8.62 -19.73
C THR A 95 5.08 8.93 -19.68
N LEU A 96 5.59 9.21 -18.49
CA LEU A 96 7.01 9.51 -18.34
C LEU A 96 7.88 8.33 -18.76
N ILE A 97 7.46 7.12 -18.38
CA ILE A 97 8.24 5.92 -18.66
C ILE A 97 8.20 5.56 -20.14
N ASN A 98 7.01 5.61 -20.73
CA ASN A 98 6.79 5.07 -22.06
C ASN A 98 6.91 6.07 -23.20
N LYS A 99 6.40 7.29 -22.99
CA LYS A 99 6.46 8.32 -24.02
C LYS A 99 7.71 9.16 -23.87
N ASP A 100 7.99 9.62 -22.66
CA ASP A 100 9.10 10.53 -22.44
C ASP A 100 10.43 9.84 -22.20
N LYS A 101 10.41 8.51 -22.04
CA LYS A 101 11.64 7.71 -21.96
C LYS A 101 12.58 8.19 -20.85
N VAL A 102 12.04 8.55 -19.70
CA VAL A 102 12.87 9.12 -18.66
C VAL A 102 13.78 8.08 -18.01
N VAL A 103 14.93 8.53 -17.52
CA VAL A 103 15.85 7.63 -16.85
C VAL A 103 15.44 7.33 -15.41
N GLY A 104 14.57 8.18 -14.86
CA GLY A 104 14.12 8.04 -13.50
C GLY A 104 13.05 9.07 -13.23
N ILE A 105 12.31 8.88 -12.14
CA ILE A 105 11.21 9.76 -11.75
C ILE A 105 11.46 10.36 -10.38
N VAL A 106 11.16 11.64 -10.24
CA VAL A 106 11.03 12.30 -8.94
C VAL A 106 9.54 12.47 -8.68
N GLY A 107 9.04 11.92 -7.57
CA GLY A 107 7.63 12.03 -7.24
C GLY A 107 7.17 10.79 -6.50
N PRO A 108 5.85 10.67 -6.29
CA PRO A 108 4.85 11.70 -6.51
C PRO A 108 4.81 12.62 -5.28
N THR A 109 3.80 13.47 -5.17
CA THR A 109 3.69 14.38 -4.04
C THR A 109 3.27 13.65 -2.76
N LEU A 110 2.20 12.87 -2.84
CA LEU A 110 1.61 12.25 -1.64
C LEU A 110 1.97 10.79 -1.46
N SER A 111 2.14 10.38 -0.21
CA SER A 111 2.23 8.95 0.11
C SER A 111 1.04 8.17 -0.43
N GLN A 112 -0.15 8.76 -0.32
CA GLN A 112 -1.37 8.12 -0.83
C GLN A 112 -1.19 7.72 -2.30
N GLN A 113 -0.59 8.61 -3.08
CA GLN A 113 -0.37 8.35 -4.50
C GLN A 113 0.77 7.34 -4.71
N ALA A 114 1.81 7.44 -3.89
CA ALA A 114 2.97 6.57 -4.02
C ALA A 114 2.62 5.09 -3.86
N PHE A 115 1.76 4.77 -2.89
CA PHE A 115 1.46 3.36 -2.64
C PHE A 115 0.79 2.69 -3.85
N SER A 116 0.01 3.47 -4.59
N SER A 116 -0.01 3.46 -4.58
CA SER A 116 -0.69 2.94 -5.75
CA SER A 116 -0.64 2.91 -5.79
C SER A 116 0.16 2.95 -7.04
C SER A 116 0.32 2.88 -6.96
N ALA A 117 0.95 4.02 -7.21
CA ALA A 117 1.70 4.23 -8.44
C ALA A 117 3.14 3.72 -8.45
N ASN A 118 3.82 3.80 -7.31
CA ASN A 118 5.21 3.36 -7.28
C ASN A 118 5.39 1.90 -7.73
N PRO A 119 4.44 0.99 -7.40
CA PRO A 119 4.59 -0.38 -7.92
C PRO A 119 4.67 -0.46 -9.45
N ILE A 120 4.07 0.50 -10.16
CA ILE A 120 4.17 0.57 -11.62
C ILE A 120 5.62 0.77 -12.04
N ALA A 121 6.30 1.71 -11.40
CA ALA A 121 7.70 1.97 -11.70
C ALA A 121 8.58 0.79 -11.27
N GLU A 122 8.27 0.21 -10.11
CA GLU A 122 9.01 -0.95 -9.63
C GLU A 122 8.98 -2.09 -10.67
N ARG A 123 7.78 -2.38 -11.18
CA ARG A 123 7.59 -3.46 -12.15
C ARG A 123 8.33 -3.14 -13.44
N ALA A 124 8.34 -1.86 -13.82
CA ALA A 124 9.02 -1.41 -15.04
C ALA A 124 10.53 -1.24 -14.87
N LYS A 125 11.02 -1.40 -13.65
CA LYS A 125 12.44 -1.21 -13.34
CA LYS A 125 12.44 -1.21 -13.34
C LYS A 125 12.91 0.21 -13.70
N VAL A 126 12.15 1.19 -13.22
CA VAL A 126 12.45 2.61 -13.37
C VAL A 126 12.59 3.20 -11.97
N PRO A 127 13.74 3.83 -11.65
CA PRO A 127 13.87 4.38 -10.30
C PRO A 127 12.87 5.50 -10.02
N VAL A 128 12.43 5.54 -8.78
CA VAL A 128 11.62 6.63 -8.24
C VAL A 128 12.32 7.14 -6.99
N VAL A 129 12.46 8.46 -6.91
CA VAL A 129 12.94 9.10 -5.70
C VAL A 129 11.85 10.04 -5.22
N GLY A 130 11.27 9.73 -4.06
CA GLY A 130 10.22 10.57 -3.51
C GLY A 130 10.81 11.73 -2.72
N PRO A 131 10.33 12.96 -3.00
CA PRO A 131 10.90 14.11 -2.29
C PRO A 131 10.37 14.23 -0.87
N SER A 132 9.09 13.93 -0.63
CA SER A 132 8.48 14.37 0.62
C SER A 132 7.53 13.36 1.22
N ASN A 133 7.43 12.17 0.62
CA ASN A 133 6.48 11.17 1.11
C ASN A 133 7.01 10.44 2.32
N THR A 134 6.30 10.59 3.43
CA THR A 134 6.83 10.21 4.72
C THR A 134 6.04 9.11 5.45
N ALA A 135 5.05 8.51 4.79
CA ALA A 135 4.33 7.40 5.41
C ALA A 135 5.26 6.21 5.64
N LYS A 136 4.97 5.45 6.68
CA LYS A 136 5.67 4.20 6.90
C LYS A 136 5.48 3.27 5.71
N GLY A 137 6.55 2.63 5.25
CA GLY A 137 6.43 1.59 4.26
C GLY A 137 6.75 1.95 2.82
N ILE A 138 7.07 3.20 2.53
CA ILE A 138 7.29 3.55 1.13
CA ILE A 138 7.32 3.63 1.15
C ILE A 138 8.55 2.93 0.49
N PRO A 139 9.73 3.00 1.15
CA PRO A 139 10.90 2.38 0.51
C PRO A 139 10.72 0.87 0.33
N GLU A 140 9.93 0.25 1.19
CA GLU A 140 9.67 -1.18 1.13
C GLU A 140 8.81 -1.59 -0.07
N ILE A 141 8.27 -0.63 -0.80
CA ILE A 141 7.52 -0.94 -2.01
C ILE A 141 8.38 -1.74 -2.99
N GLY A 142 9.68 -1.45 -3.04
CA GLY A 142 10.55 -2.27 -3.85
C GLY A 142 11.93 -1.69 -4.00
N ASP A 143 12.73 -2.37 -4.81
CA ASP A 143 14.14 -2.07 -4.98
C ASP A 143 14.41 -0.83 -5.82
N TYR A 144 13.39 -0.29 -6.47
CA TYR A 144 13.49 0.91 -7.29
C TYR A 144 12.89 2.14 -6.62
N VAL A 145 12.44 1.99 -5.37
CA VAL A 145 11.81 3.09 -4.65
C VAL A 145 12.69 3.59 -3.51
N ALA A 146 13.13 4.84 -3.60
CA ALA A 146 13.90 5.49 -2.54
C ALA A 146 13.22 6.80 -2.18
N ARG A 147 13.60 7.40 -1.06
CA ARG A 147 13.07 8.72 -0.71
C ARG A 147 14.14 9.52 0.01
N VAL A 148 14.05 10.84 -0.11
CA VAL A 148 15.00 11.72 0.59
C VAL A 148 14.40 12.29 1.88
N SER A 149 13.15 11.94 2.18
CA SER A 149 12.44 12.48 3.34
C SER A 149 12.27 11.45 4.44
N ALA A 150 12.86 11.68 5.61
CA ALA A 150 12.74 10.78 6.74
C ALA A 150 11.27 10.66 7.14
N PRO A 151 10.88 9.47 7.63
CA PRO A 151 9.46 9.20 7.83
C PRO A 151 8.87 9.81 9.09
N VAL A 152 7.54 9.71 9.18
CA VAL A 152 6.78 10.30 10.27
C VAL A 152 7.27 9.89 11.66
N SER A 153 7.78 8.67 11.78
CA SER A 153 8.23 8.18 13.08
C SER A 153 9.35 9.02 13.70
N VAL A 154 10.18 9.64 12.86
CA VAL A 154 11.23 10.50 13.39
C VAL A 154 10.95 11.99 13.28
N VAL A 155 10.01 12.36 12.40
CA VAL A 155 9.65 13.77 12.23
C VAL A 155 8.64 14.25 13.28
N ALA A 156 7.52 13.55 13.38
CA ALA A 156 6.40 14.03 14.19
C ALA A 156 6.65 14.24 15.68
N PRO A 157 7.43 13.36 16.35
CA PRO A 157 7.55 13.57 17.79
C PRO A 157 8.16 14.91 18.20
N ASN A 158 8.96 15.50 17.32
CA ASN A 158 9.62 16.78 17.57
CA ASN A 158 9.61 16.74 17.68
C ASN A 158 8.65 17.89 17.96
N SER A 159 7.53 17.94 17.24
CA SER A 159 6.58 19.02 17.50
C SER A 159 5.83 18.84 18.83
N VAL A 160 5.60 17.59 19.22
CA VAL A 160 4.98 17.34 20.53
C VAL A 160 5.91 17.82 21.64
N LYS A 161 7.19 17.49 21.52
CA LYS A 161 8.18 17.93 22.51
C LYS A 161 8.27 19.46 22.56
N ALA A 162 8.19 20.11 21.40
CA ALA A 162 8.22 21.56 21.37
C ALA A 162 7.00 22.17 22.07
N ALA A 163 5.83 21.57 21.85
CA ALA A 163 4.61 22.06 22.49
C ALA A 163 4.74 21.97 24.01
N LEU A 164 5.31 20.87 24.49
CA LEU A 164 5.49 20.67 25.91
CA LEU A 164 5.47 20.68 25.92
C LEU A 164 6.52 21.62 26.50
N LYS A 165 7.50 22.01 25.68
CA LYS A 165 8.48 23.00 26.13
C LYS A 165 7.80 24.35 26.32
N GLN A 166 6.94 24.73 25.37
CA GLN A 166 6.24 26.01 25.44
C GLN A 166 5.15 26.02 26.52
N ASN A 167 4.53 24.87 26.77
CA ASN A 167 3.59 24.75 27.87
C ASN A 167 3.72 23.43 28.60
N PRO A 168 4.54 23.41 29.65
CA PRO A 168 4.82 22.19 30.41
C PRO A 168 3.58 21.66 31.12
N ASN A 169 2.52 22.46 31.18
CA ASN A 169 1.31 22.05 31.88
C ASN A 169 0.26 21.40 30.99
N ILE A 170 0.58 21.16 29.73
CA ILE A 170 -0.32 20.41 28.86
C ILE A 170 -0.59 19.03 29.46
N LYS A 171 -1.86 18.68 29.58
CA LYS A 171 -2.25 17.35 30.08
C LYS A 171 -3.17 16.61 29.13
N LYS A 172 -4.14 17.32 28.56
CA LYS A 172 -5.16 16.70 27.72
C LYS A 172 -4.91 17.04 26.27
N VAL A 173 -4.98 16.03 25.41
CA VAL A 173 -4.70 16.19 24.00
C VAL A 173 -5.83 15.63 23.16
N ALA A 174 -6.28 16.41 22.18
CA ALA A 174 -7.25 15.97 21.18
C ALA A 174 -6.52 15.82 19.85
N VAL A 175 -6.74 14.70 19.18
CA VAL A 175 -6.09 14.38 17.92
C VAL A 175 -7.12 14.30 16.80
N PHE A 176 -6.80 14.88 15.64
CA PHE A 176 -7.64 14.84 14.44
C PHE A 176 -6.83 14.25 13.30
N PHE A 177 -7.45 13.42 12.47
CA PHE A 177 -6.75 12.96 11.28
C PHE A 177 -7.67 12.70 10.09
N ALA A 178 -7.09 12.82 8.90
CA ALA A 178 -7.78 12.55 7.64
C ALA A 178 -7.76 11.06 7.35
N GLN A 179 -8.91 10.42 7.53
CA GLN A 179 -8.95 8.97 7.46
CA GLN A 179 -9.09 8.98 7.44
C GLN A 179 -8.84 8.42 6.03
N ASN A 180 -8.95 9.28 5.03
CA ASN A 180 -8.82 8.85 3.64
C ASN A 180 -7.41 8.97 3.07
N ASP A 181 -6.47 9.47 3.85
CA ASP A 181 -5.13 9.76 3.36
C ASP A 181 -4.07 8.91 4.05
N ALA A 182 -3.27 8.19 3.26
CA ALA A 182 -2.33 7.21 3.82
C ALA A 182 -1.31 7.86 4.75
N PHE A 183 -0.74 8.99 4.33
CA PHE A 183 0.23 9.65 5.19
C PHE A 183 -0.40 10.14 6.49
N SER A 184 -1.62 10.68 6.41
CA SER A 184 -2.27 11.21 7.61
C SER A 184 -2.53 10.11 8.62
N LYS A 185 -2.92 8.93 8.13
CA LYS A 185 -3.11 7.79 9.02
C LYS A 185 -1.80 7.33 9.64
N SER A 186 -0.73 7.32 8.87
CA SER A 186 0.57 6.92 9.39
C SER A 186 1.07 7.95 10.41
N GLU A 187 0.92 9.22 10.09
CA GLU A 187 1.39 10.28 10.97
C GLU A 187 0.62 10.29 12.30
N THR A 188 -0.70 10.11 12.23
CA THR A 188 -1.49 10.18 13.45
C THR A 188 -1.14 9.06 14.42
N GLU A 189 -0.76 7.90 13.89
CA GLU A 189 -0.36 6.81 14.76
CA GLU A 189 -0.33 6.79 14.72
C GLU A 189 0.86 7.21 15.58
N ILE A 190 1.82 7.88 14.95
CA ILE A 190 3.00 8.36 15.66
C ILE A 190 2.65 9.45 16.68
N PHE A 191 1.81 10.41 16.29
CA PHE A 191 1.41 11.45 17.23
C PHE A 191 0.71 10.84 18.44
N GLN A 192 -0.19 9.88 18.21
CA GLN A 192 -0.91 9.27 19.32
C GLN A 192 0.03 8.52 20.26
N GLN A 193 0.97 7.78 19.68
CA GLN A 193 1.92 7.05 20.51
C GLN A 193 2.81 8.01 21.32
N THR A 194 3.22 9.10 20.69
CA THR A 194 4.06 10.09 21.36
C THR A 194 3.32 10.74 22.52
N VAL A 195 2.05 11.08 22.31
CA VAL A 195 1.21 11.62 23.37
C VAL A 195 1.17 10.66 24.56
N LYS A 196 0.96 9.38 24.29
CA LYS A 196 0.93 8.39 25.35
CA LYS A 196 0.93 8.37 25.34
C LYS A 196 2.28 8.28 26.05
N ASP A 197 3.35 8.23 25.28
CA ASP A 197 4.69 8.07 25.84
C ASP A 197 5.12 9.27 26.68
N GLN A 198 4.56 10.44 26.36
CA GLN A 198 4.85 11.64 27.13
C GLN A 198 3.98 11.75 28.39
N GLY A 199 3.15 10.73 28.61
CA GLY A 199 2.32 10.68 29.82
C GLY A 199 1.10 11.58 29.79
N LEU A 200 0.65 11.92 28.59
CA LEU A 200 -0.49 12.81 28.42
C LEU A 200 -1.78 12.01 28.24
N GLU A 201 -2.93 12.65 28.47
CA GLU A 201 -4.21 12.02 28.29
C GLU A 201 -4.76 12.30 26.89
N LEU A 202 -4.99 11.23 26.13
CA LEU A 202 -5.59 11.34 24.81
C LEU A 202 -7.11 11.37 24.98
N VAL A 203 -7.71 12.56 24.96
CA VAL A 203 -9.13 12.67 25.26
C VAL A 203 -10.08 12.33 24.11
N THR A 204 -9.61 12.45 22.88
CA THR A 204 -10.39 12.04 21.73
C THR A 204 -9.50 11.93 20.51
N VAL A 205 -9.90 11.03 19.61
CA VAL A 205 -9.36 10.98 18.26
C VAL A 205 -10.54 11.19 17.31
N GLN A 206 -10.49 12.28 16.54
CA GLN A 206 -11.56 12.65 15.63
C GLN A 206 -11.11 12.44 14.18
N LYS A 207 -12.00 11.95 13.34
CA LYS A 207 -11.70 11.69 11.94
C LYS A 207 -12.38 12.70 11.04
N PHE A 208 -11.75 12.96 9.89
CA PHE A 208 -12.32 13.78 8.84
C PHE A 208 -11.80 13.29 7.51
N GLN A 209 -12.28 13.87 6.42
CA GLN A 209 -11.80 13.59 5.06
C GLN A 209 -11.02 14.79 4.57
N THR A 210 -9.99 14.56 3.75
CA THR A 210 -9.22 15.68 3.20
C THR A 210 -10.07 16.63 2.35
N THR A 211 -11.19 16.12 1.83
CA THR A 211 -12.09 16.91 0.99
C THR A 211 -13.12 17.69 1.81
N ASP A 212 -13.17 17.48 3.12
CA ASP A 212 -14.11 18.23 3.95
C ASP A 212 -13.64 19.67 4.09
N THR A 213 -14.60 20.59 4.20
CA THR A 213 -14.31 21.99 4.53
C THR A 213 -14.87 22.38 5.89
N ASP A 214 -15.85 21.62 6.37
CA ASP A 214 -16.57 21.90 7.61
C ASP A 214 -16.26 20.85 8.65
N PHE A 215 -15.89 21.29 9.85
CA PHE A 215 -15.48 20.41 10.92
C PHE A 215 -16.18 20.77 12.22
N GLN A 216 -17.34 21.40 12.14
CA GLN A 216 -17.94 21.91 13.36
CA GLN A 216 -18.02 21.91 13.33
C GLN A 216 -18.21 20.82 14.39
N SER A 217 -18.74 19.68 13.97
CA SER A 217 -19.06 18.65 14.95
CA SER A 217 -19.05 18.59 14.89
C SER A 217 -17.80 18.07 15.60
N GLN A 218 -16.77 17.74 14.81
CA GLN A 218 -15.56 17.18 15.40
C GLN A 218 -14.86 18.21 16.28
N ALA A 219 -14.81 19.46 15.83
CA ALA A 219 -14.15 20.51 16.60
C ALA A 219 -14.88 20.73 17.92
N THR A 220 -16.20 20.81 17.89
CA THR A 220 -16.97 20.99 19.11
C THR A 220 -16.83 19.81 20.06
N ASN A 221 -16.87 18.59 19.51
CA ASN A 221 -16.72 17.45 20.38
CA ASN A 221 -16.64 17.36 20.28
C ASN A 221 -15.36 17.42 21.08
N ALA A 222 -14.31 17.88 20.39
CA ALA A 222 -13.00 17.98 21.02
C ALA A 222 -12.96 19.11 22.05
N ILE A 223 -13.47 20.28 21.67
CA ILE A 223 -13.45 21.45 22.55
C ILE A 223 -14.20 21.17 23.86
N ASN A 224 -15.26 20.38 23.79
CA ASN A 224 -16.02 20.05 24.99
C ASN A 224 -15.22 19.25 26.00
N LEU A 225 -14.14 18.62 25.54
CA LEU A 225 -13.29 17.82 26.42
C LEU A 225 -12.14 18.60 27.02
N LYS A 226 -12.12 19.91 26.76
CA LYS A 226 -11.11 20.82 27.33
C LYS A 226 -9.65 20.41 27.10
N PRO A 227 -9.29 20.15 25.83
CA PRO A 227 -7.88 19.82 25.60
C PRO A 227 -6.96 21.02 25.79
N ASP A 228 -5.72 20.74 26.16
CA ASP A 228 -4.67 21.74 26.26
C ASP A 228 -3.86 21.82 24.97
N LEU A 229 -3.95 20.76 24.16
CA LEU A 229 -3.20 20.63 22.93
C LEU A 229 -4.09 19.91 21.92
N VAL A 230 -4.07 20.40 20.68
CA VAL A 230 -4.75 19.76 19.57
C VAL A 230 -3.71 19.45 18.51
N ILE A 231 -3.78 18.25 17.94
CA ILE A 231 -2.86 17.80 16.90
C ILE A 231 -3.67 17.44 15.67
N ILE A 232 -3.26 17.96 14.51
CA ILE A 232 -3.98 17.74 13.27
C ILE A 232 -3.10 17.10 12.21
N SER A 233 -3.51 15.92 11.71
CA SER A 233 -2.87 15.28 10.57
C SER A 233 -3.82 15.28 9.38
N GLY A 234 -3.66 16.26 8.52
CA GLY A 234 -4.38 16.30 7.25
C GLY A 234 -3.49 16.94 6.21
N LEU A 235 -4.11 17.40 5.14
CA LEU A 235 -3.38 18.16 4.14
C LEU A 235 -3.66 19.66 4.31
N ALA A 236 -3.40 20.47 3.30
CA ALA A 236 -3.28 21.92 3.53
C ALA A 236 -4.61 22.67 3.64
N ALA A 237 -5.49 22.51 2.65
CA ALA A 237 -6.77 23.20 2.70
C ALA A 237 -7.60 22.72 3.88
N ASP A 238 -7.68 21.40 4.04
CA ASP A 238 -8.44 20.82 5.14
C ASP A 238 -7.83 21.19 6.50
N GLY A 239 -6.51 21.06 6.63
CA GLY A 239 -5.87 21.39 7.89
C GLY A 239 -6.07 22.85 8.25
N GLY A 240 -5.89 23.73 7.27
CA GLY A 240 -6.09 25.15 7.52
C GLY A 240 -7.53 25.50 7.92
N ASN A 241 -8.50 24.88 7.27
CA ASN A 241 -9.89 25.14 7.60
C ASN A 241 -10.21 24.65 9.02
N LEU A 242 -9.66 23.50 9.40
CA LEU A 242 -9.88 22.97 10.73
C LEU A 242 -9.26 23.87 11.81
N VAL A 243 -8.02 24.32 11.57
CA VAL A 243 -7.39 25.27 12.49
C VAL A 243 -8.27 26.51 12.69
N ARG A 244 -8.73 27.09 11.59
CA ARG A 244 -9.55 28.30 11.69
C ARG A 244 -10.80 28.04 12.51
N GLN A 245 -11.48 26.93 12.23
CA GLN A 245 -12.74 26.63 12.89
CA GLN A 245 -12.74 26.63 12.89
C GLN A 245 -12.57 26.34 14.38
N LEU A 246 -11.48 25.66 14.75
CA LEU A 246 -11.19 25.44 16.16
C LEU A 246 -11.09 26.78 16.88
N ARG A 247 -10.37 27.72 16.29
CA ARG A 247 -10.23 29.04 16.91
C ARG A 247 -11.57 29.78 16.95
N GLU A 248 -12.32 29.75 15.85
CA GLU A 248 -13.64 30.37 15.82
C GLU A 248 -14.54 29.85 16.93
N LEU A 249 -14.44 28.55 17.20
CA LEU A 249 -15.28 27.90 18.19
C LEU A 249 -14.76 28.09 19.61
N GLY A 250 -13.70 28.87 19.77
CA GLY A 250 -13.25 29.29 21.07
C GLY A 250 -12.07 28.52 21.66
N TYR A 251 -11.48 27.60 20.90
CA TYR A 251 -10.34 26.87 21.41
C TYR A 251 -9.14 27.79 21.58
N GLN A 252 -8.55 27.82 22.76
CA GLN A 252 -7.44 28.73 23.04
C GLN A 252 -6.11 28.04 23.33
N GLY A 253 -6.10 26.71 23.27
CA GLY A 253 -4.90 25.95 23.59
C GLY A 253 -3.91 25.87 22.44
N ALA A 254 -2.90 25.03 22.61
CA ALA A 254 -1.85 24.87 21.61
C ALA A 254 -2.33 24.03 20.45
N ILE A 255 -1.74 24.24 19.28
CA ILE A 255 -2.04 23.44 18.09
C ILE A 255 -0.75 23.01 17.40
N ILE A 256 -0.66 21.72 17.08
CA ILE A 256 0.36 21.17 16.22
C ILE A 256 -0.28 20.78 14.90
N GLY A 257 0.34 21.20 13.81
CA GLY A 257 -0.01 20.71 12.49
C GLY A 257 1.02 19.71 12.03
N GLY A 258 0.57 18.64 11.39
CA GLY A 258 1.48 17.70 10.76
C GLY A 258 2.01 18.22 9.44
N ASP A 259 2.72 17.35 8.73
CA ASP A 259 3.47 17.78 7.55
C ASP A 259 2.54 18.30 6.44
N GLY A 260 1.29 17.86 6.40
CA GLY A 260 0.39 18.31 5.37
C GLY A 260 -0.05 19.76 5.54
N LEU A 261 0.23 20.35 6.70
CA LEU A 261 -0.07 21.77 6.92
C LEU A 261 1.19 22.62 6.73
N ASN A 262 2.29 21.99 6.31
CA ASN A 262 3.60 22.65 6.29
C ASN A 262 3.82 23.47 5.02
N THR A 263 2.99 24.49 4.85
CA THR A 263 3.08 25.37 3.71
C THR A 263 2.44 26.70 4.02
N SER A 264 3.04 27.78 3.53
CA SER A 264 2.45 29.10 3.65
C SER A 264 1.09 29.17 2.95
N ASN A 265 0.77 28.18 2.13
CA ASN A 265 -0.58 28.13 1.56
C ASN A 265 -1.68 27.99 2.60
N VAL A 266 -1.35 27.54 3.81
CA VAL A 266 -2.37 27.54 4.86
C VAL A 266 -2.70 28.94 5.37
N PHE A 267 -1.77 29.91 5.20
CA PHE A 267 -1.98 31.24 5.75
C PHE A 267 -3.25 31.89 5.25
N ALA A 268 -3.57 31.70 3.97
CA ALA A 268 -4.76 32.30 3.38
C ALA A 268 -6.04 31.72 3.98
N VAL A 269 -5.95 30.48 4.45
CA VAL A 269 -7.11 29.74 4.91
C VAL A 269 -7.46 30.07 6.36
N CYS A 270 -6.46 30.04 7.25
CA CYS A 270 -6.74 30.38 8.64
C CYS A 270 -6.44 31.83 9.02
N LYS A 271 -5.74 32.56 8.13
CA LYS A 271 -5.44 33.98 8.33
C LYS A 271 -4.84 34.22 9.72
N ALA A 272 -5.31 35.21 10.45
CA ALA A 272 -4.70 35.49 11.76
C ALA A 272 -4.79 34.30 12.69
N LEU A 273 -5.80 33.47 12.49
CA LEU A 273 -6.04 32.33 13.36
C LEU A 273 -5.07 31.16 13.13
N CYS A 274 -4.17 31.28 12.15
CA CYS A 274 -3.08 30.32 12.01
C CYS A 274 -2.00 30.55 13.07
N ASP A 275 -2.02 31.71 13.72
CA ASP A 275 -0.91 32.09 14.57
C ASP A 275 -0.63 31.08 15.68
N GLY A 276 0.63 30.70 15.84
CA GLY A 276 1.02 29.81 16.92
C GLY A 276 1.09 28.33 16.59
N VAL A 277 0.57 27.94 15.43
CA VAL A 277 0.62 26.53 15.06
C VAL A 277 2.07 26.04 14.96
N LEU A 278 2.37 24.90 15.59
CA LEU A 278 3.69 24.30 15.58
C LEU A 278 3.76 23.20 14.53
N ILE A 279 4.79 23.24 13.69
CA ILE A 279 4.96 22.23 12.64
C ILE A 279 6.42 21.79 12.56
N ALA A 280 6.65 20.49 12.70
CA ALA A 280 7.99 19.93 12.59
C ALA A 280 8.57 20.18 11.21
N GLN A 281 9.89 20.27 11.13
CA GLN A 281 10.59 20.55 9.88
C GLN A 281 11.74 19.58 9.69
N ALA A 282 11.98 19.19 8.43
CA ALA A 282 13.10 18.32 8.12
C ALA A 282 14.18 19.08 7.34
N TYR A 283 14.06 20.40 7.32
CA TYR A 283 14.95 21.28 6.57
C TYR A 283 15.01 22.60 7.33
N SER A 284 16.18 23.24 7.32
CA SER A 284 16.27 24.59 7.87
C SER A 284 16.99 25.50 6.88
N PRO A 285 16.37 26.65 6.56
CA PRO A 285 17.04 27.66 5.72
C PRO A 285 18.40 28.04 6.27
N GLU A 286 18.56 28.01 7.59
CA GLU A 286 19.80 28.43 8.23
C GLU A 286 20.86 27.34 8.34
N TYR A 287 20.58 26.15 7.82
CA TYR A 287 21.60 25.10 7.76
C TYR A 287 22.77 25.59 6.91
N THR A 288 23.98 25.45 7.43
CA THR A 288 25.14 26.13 6.86
C THR A 288 25.89 25.39 5.74
N GLY A 289 25.35 24.28 5.26
CA GLY A 289 25.95 23.58 4.14
C GLY A 289 26.06 24.49 2.92
N GLU A 290 27.20 24.42 2.22
CA GLU A 290 27.46 25.30 1.09
C GLU A 290 26.35 25.28 0.03
N ILE A 291 25.86 24.09 -0.30
CA ILE A 291 24.84 23.99 -1.32
C ILE A 291 23.51 24.57 -0.84
N ASN A 292 23.26 24.49 0.47
CA ASN A 292 22.07 25.11 1.01
C ASN A 292 22.17 26.61 0.88
N LYS A 293 23.36 27.15 1.14
CA LYS A 293 23.58 28.57 0.98
C LYS A 293 23.24 28.99 -0.45
N ALA A 294 23.71 28.23 -1.43
CA ALA A 294 23.44 28.53 -2.83
C ALA A 294 21.96 28.37 -3.14
N PHE A 295 21.40 27.25 -2.72
CA PHE A 295 19.97 27.00 -2.90
C PHE A 295 19.13 28.09 -2.23
N ARG A 296 19.43 28.38 -0.96
CA ARG A 296 18.67 29.36 -0.20
C ARG A 296 18.75 30.72 -0.86
N GLN A 297 19.94 31.13 -1.27
CA GLN A 297 20.10 32.43 -1.89
C GLN A 297 19.31 32.51 -3.19
N ALA A 298 19.39 31.46 -4.00
CA ALA A 298 18.63 31.41 -5.25
C ALA A 298 17.14 31.52 -4.95
N TYR A 299 16.67 30.78 -3.96
CA TYR A 299 15.26 30.82 -3.59
C TYR A 299 14.81 32.19 -3.09
N VAL A 300 15.53 32.73 -2.11
CA VAL A 300 15.17 34.01 -1.50
C VAL A 300 15.16 35.13 -2.53
N ASP A 301 16.15 35.15 -3.40
CA ASP A 301 16.24 36.20 -4.42
C ASP A 301 15.02 36.18 -5.32
N GLN A 302 14.49 34.99 -5.63
CA GLN A 302 13.34 34.88 -6.51
C GLN A 302 12.00 35.06 -5.79
N TYR A 303 11.81 34.34 -4.69
CA TYR A 303 10.51 34.26 -4.05
C TYR A 303 10.34 35.19 -2.84
N LYS A 304 11.41 35.88 -2.47
CA LYS A 304 11.36 36.92 -1.43
C LYS A 304 10.99 36.40 -0.05
N LYS A 305 11.30 35.12 0.18
CA LYS A 305 11.09 34.53 1.49
C LYS A 305 11.97 33.29 1.58
N GLU A 306 12.05 32.70 2.77
CA GLU A 306 12.89 31.55 2.96
C GLU A 306 12.34 30.33 2.21
N PRO A 307 13.24 29.47 1.70
CA PRO A 307 12.78 28.24 1.03
C PRO A 307 11.99 27.33 1.97
N PRO A 308 10.80 26.89 1.53
CA PRO A 308 10.06 25.92 2.33
C PRO A 308 10.69 24.52 2.25
N GLN A 309 10.40 23.72 3.27
CA GLN A 309 10.85 22.33 3.28
C GLN A 309 10.58 21.59 1.96
N PHE A 310 9.37 21.69 1.43
CA PHE A 310 9.04 20.90 0.24
C PHE A 310 9.90 21.28 -0.96
N SER A 311 10.30 22.56 -1.05
CA SER A 311 11.17 22.98 -2.12
CA SER A 311 11.16 22.98 -2.13
C SER A 311 12.58 22.40 -1.97
N ALA A 312 13.09 22.42 -0.74
CA ALA A 312 14.41 21.87 -0.47
C ALA A 312 14.44 20.37 -0.75
N GLN A 313 13.37 19.67 -0.38
CA GLN A 313 13.29 18.24 -0.60
C GLN A 313 13.28 17.88 -2.08
N ALA A 314 12.53 18.62 -2.87
CA ALA A 314 12.50 18.39 -4.31
C ALA A 314 13.87 18.69 -4.95
N PHE A 315 14.54 19.75 -4.50
CA PHE A 315 15.88 20.05 -4.98
C PHE A 315 16.79 18.84 -4.69
N ALA A 316 16.74 18.34 -3.47
CA ALA A 316 17.57 17.22 -3.06
C ALA A 316 17.33 15.98 -3.91
N ALA A 317 16.06 15.71 -4.25
CA ALA A 317 15.75 14.57 -5.10
C ALA A 317 16.39 14.71 -6.48
N VAL A 318 16.29 15.90 -7.08
CA VAL A 318 16.93 16.12 -8.36
C VAL A 318 18.45 15.98 -8.24
N GLN A 319 19.03 16.52 -7.16
CA GLN A 319 20.45 16.42 -6.88
C GLN A 319 20.91 14.96 -6.85
N VAL A 320 20.14 14.11 -6.18
CA VAL A 320 20.48 12.70 -6.12
C VAL A 320 20.62 12.13 -7.53
N TYR A 321 19.66 12.43 -8.41
CA TYR A 321 19.76 11.95 -9.78
C TYR A 321 20.95 12.53 -10.55
N VAL A 322 21.19 13.85 -10.43
CA VAL A 322 22.30 14.44 -11.16
C VAL A 322 23.64 13.85 -10.73
N GLU A 323 23.86 13.79 -9.43
CA GLU A 323 25.14 13.32 -8.92
C GLU A 323 25.34 11.83 -9.18
N SER A 324 24.26 11.05 -9.13
CA SER A 324 24.34 9.63 -9.48
CA SER A 324 24.36 9.63 -9.45
C SER A 324 24.60 9.42 -10.96
N LEU A 325 23.94 10.22 -11.81
CA LEU A 325 24.21 10.15 -13.24
C LEU A 325 25.66 10.49 -13.54
N LYS A 326 26.22 11.48 -12.85
CA LYS A 326 27.62 11.86 -13.06
C LYS A 326 28.54 10.71 -12.66
N ALA A 327 28.28 10.09 -11.51
CA ALA A 327 29.12 9.01 -11.02
C ALA A 327 29.04 7.80 -11.95
N LEU A 328 27.83 7.46 -12.38
CA LEU A 328 27.62 6.38 -13.32
C LEU A 328 28.35 6.66 -14.65
N ASP A 329 28.13 7.86 -15.18
CA ASP A 329 28.69 8.25 -16.48
C ASP A 329 30.22 8.18 -16.49
N THR A 330 30.85 8.52 -15.37
CA THR A 330 32.30 8.44 -15.27
CA THR A 330 32.30 8.43 -15.29
C THR A 330 32.79 7.00 -15.34
N LYS A 331 32.02 6.06 -14.78
CA LYS A 331 32.37 4.64 -14.79
C LYS A 331 31.90 3.90 -16.03
N ASN A 332 30.86 4.41 -16.68
CA ASN A 332 30.17 3.71 -17.75
C ASN A 332 29.37 4.74 -18.54
N LYS A 333 29.93 5.23 -19.64
CA LYS A 333 29.38 6.39 -20.34
C LYS A 333 27.90 6.22 -20.68
N VAL A 334 27.07 7.12 -20.15
CA VAL A 334 25.63 6.89 -20.23
C VAL A 334 25.05 7.05 -21.63
N SER A 335 25.71 7.83 -22.48
CA SER A 335 25.21 8.02 -23.84
C SER A 335 25.16 6.70 -24.61
N LYS A 336 25.95 5.72 -24.18
CA LYS A 336 26.03 4.43 -24.85
C LYS A 336 25.20 3.34 -24.21
N ILE A 337 24.65 3.58 -23.01
CA ILE A 337 23.87 2.57 -22.32
C ILE A 337 22.44 2.62 -22.80
N GLN A 338 21.88 1.48 -23.20
CA GLN A 338 20.50 1.44 -23.62
CA GLN A 338 20.49 1.43 -23.62
C GLN A 338 19.57 1.68 -22.44
N LEU A 339 18.39 2.23 -22.71
CA LEU A 339 17.53 2.74 -21.66
C LEU A 339 17.20 1.77 -20.51
N PRO A 340 16.81 0.52 -20.80
CA PRO A 340 16.47 -0.35 -19.67
C PRO A 340 17.65 -0.58 -18.73
N GLU A 341 18.83 -0.76 -19.29
CA GLU A 341 20.03 -0.95 -18.48
CA GLU A 341 20.04 -0.95 -18.51
C GLU A 341 20.45 0.34 -17.79
N LEU A 342 20.26 1.47 -18.47
CA LEU A 342 20.58 2.77 -17.86
C LEU A 342 19.74 2.97 -16.60
N ARG A 343 18.45 2.68 -16.69
CA ARG A 343 17.56 2.80 -15.53
C ARG A 343 18.03 1.92 -14.38
N THR A 344 18.36 0.67 -14.68
CA THR A 344 18.77 -0.25 -13.63
CA THR A 344 18.76 -0.24 -13.61
C THR A 344 20.11 0.15 -13.01
N GLU A 345 21.05 0.56 -13.85
CA GLU A 345 22.35 0.98 -13.33
C GLU A 345 22.25 2.30 -12.55
N LEU A 346 21.36 3.19 -12.97
CA LEU A 346 21.16 4.45 -12.25
C LEU A 346 20.59 4.18 -10.87
N ASN A 347 19.59 3.30 -10.80
CA ASN A 347 19.00 2.94 -9.52
C ASN A 347 20.06 2.35 -8.60
N LYS A 348 20.86 1.43 -9.13
CA LYS A 348 21.90 0.81 -8.33
C LYS A 348 22.89 1.86 -7.82
N GLN A 349 23.30 2.77 -8.71
CA GLN A 349 24.24 3.81 -8.34
C GLN A 349 23.68 4.74 -7.25
N LEU A 350 22.45 5.21 -7.44
CA LEU A 350 21.95 6.25 -6.53
C LEU A 350 21.87 5.72 -5.10
N LEU A 351 21.55 4.45 -4.95
CA LEU A 351 21.46 3.84 -3.64
C LEU A 351 22.79 3.82 -2.86
N THR A 352 23.90 3.90 -3.59
CA THR A 352 25.22 3.84 -2.96
C THR A 352 25.81 5.22 -2.67
N GLY A 353 25.15 6.27 -3.11
CA GLY A 353 25.74 7.60 -3.05
C GLY A 353 25.62 8.30 -1.72
N LYS A 354 26.50 9.26 -1.50
CA LYS A 354 26.44 10.18 -0.37
C LYS A 354 26.29 11.56 -0.96
N TYR A 355 25.37 12.36 -0.43
CA TYR A 355 25.02 13.63 -1.04
C TYR A 355 24.98 14.74 0.00
N ASN A 356 25.63 15.85 -0.30
CA ASN A 356 25.57 17.02 0.56
C ASN A 356 24.53 17.96 -0.03
N THR A 357 23.33 17.92 0.56
CA THR A 357 22.16 18.55 -0.04
C THR A 357 21.67 19.69 0.84
N PRO A 358 20.62 20.42 0.39
CA PRO A 358 20.08 21.44 1.31
C PRO A 358 19.53 20.84 2.60
N LEU A 359 19.16 19.57 2.57
CA LEU A 359 18.65 18.87 3.75
C LEU A 359 19.74 18.41 4.71
N GLY A 360 20.99 18.64 4.32
CA GLY A 360 22.12 18.09 5.04
C GLY A 360 22.78 16.96 4.27
N GLU A 361 23.75 16.33 4.90
CA GLU A 361 24.38 15.16 4.33
C GLU A 361 23.41 13.99 4.43
N ILE A 362 23.11 13.37 3.30
CA ILE A 362 22.20 12.24 3.28
C ILE A 362 22.78 11.09 2.48
N SER A 363 22.25 9.90 2.73
CA SER A 363 22.58 8.70 1.98
C SER A 363 21.38 7.78 2.11
N PHE A 364 21.51 6.54 1.62
CA PHE A 364 20.39 5.60 1.64
C PHE A 364 20.75 4.29 2.32
N THR A 365 19.74 3.66 2.93
CA THR A 365 19.88 2.29 3.40
C THR A 365 19.77 1.37 2.19
N PRO A 366 20.08 0.07 2.36
CA PRO A 366 19.97 -0.85 1.22
C PRO A 366 18.57 -0.93 0.59
N ILE A 367 17.52 -0.55 1.31
CA ILE A 367 16.19 -0.57 0.70
C ILE A 367 15.66 0.81 0.34
N GLY A 368 16.52 1.82 0.36
CA GLY A 368 16.13 3.11 -0.16
C GLY A 368 15.54 4.08 0.84
N GLU A 369 15.64 3.76 2.13
CA GLU A 369 15.26 4.73 3.15
C GLU A 369 16.38 5.77 3.28
N VAL A 370 16.01 7.01 3.59
CA VAL A 370 17.03 8.03 3.77
C VAL A 370 17.75 7.84 5.10
N VAL A 371 19.04 8.15 5.07
CA VAL A 371 19.87 8.21 6.27
C VAL A 371 20.22 9.66 6.42
N GLN A 372 19.84 10.26 7.53
CA GLN A 372 20.14 11.66 7.70
C GLN A 372 20.04 12.01 9.17
N LYS A 373 20.35 13.26 9.49
CA LYS A 373 20.23 13.73 10.86
C LYS A 373 19.67 15.14 10.89
N ASP A 374 19.14 15.50 12.05
CA ASP A 374 18.67 16.85 12.35
C ASP A 374 17.25 17.11 11.90
N PHE A 375 16.46 17.49 12.90
CA PHE A 375 15.12 17.98 12.66
C PHE A 375 14.96 19.28 13.41
N TYR A 376 13.88 19.98 13.10
CA TYR A 376 13.60 21.27 13.69
C TYR A 376 12.11 21.36 13.92
N VAL A 377 11.68 22.42 14.60
CA VAL A 377 10.27 22.76 14.69
C VAL A 377 10.15 24.25 14.39
N ALA A 378 9.15 24.61 13.60
CA ALA A 378 8.85 26.01 13.35
C ALA A 378 7.44 26.31 13.85
N GLN A 379 7.18 27.59 14.04
CA GLN A 379 5.90 28.05 14.54
C GLN A 379 5.39 29.15 13.64
N ILE A 380 4.14 29.07 13.23
CA ILE A 380 3.56 30.09 12.37
C ILE A 380 3.39 31.38 13.16
N LYS A 381 3.91 32.46 12.60
CA LYS A 381 3.76 33.79 13.18
CA LYS A 381 3.73 33.79 13.19
C LYS A 381 3.02 34.66 12.18
N MSE A 382 1.77 35.00 12.49
CA MSE A 382 1.00 35.83 11.58
C MSE A 382 1.06 37.28 12.01
O MSE A 382 1.14 37.59 13.19
CB MSE A 382 -0.47 35.43 11.57
CG MSE A 382 -0.73 33.98 11.21
SE MSE A 382 -0.13 33.52 9.41
CE MSE A 382 -1.22 34.77 8.39
N GLU A 383 1.02 38.18 11.03
CA GLU A 383 0.83 39.59 11.34
CA GLU A 383 0.84 39.58 11.35
C GLU A 383 -0.60 39.76 11.83
N LYS A 384 -0.80 40.70 12.75
CA LYS A 384 -2.11 40.88 13.41
C LYS A 384 -3.29 40.95 12.43
N ASP A 385 -3.08 41.63 11.31
CA ASP A 385 -4.10 41.78 10.29
C ASP A 385 -4.43 40.44 9.61
N GLY A 386 -3.50 39.49 9.69
CA GLY A 386 -3.74 38.15 9.18
C GLY A 386 -3.46 37.96 7.70
N SER A 387 -2.97 39.00 7.04
CA SER A 387 -2.74 38.95 5.60
C SER A 387 -1.36 38.40 5.23
N GLN A 388 -0.46 38.38 6.21
CA GLN A 388 0.91 37.92 5.97
C GLN A 388 1.41 37.14 7.18
N GLY A 389 2.33 36.22 6.94
CA GLY A 389 2.96 35.50 8.03
C GLY A 389 4.27 34.85 7.65
N LYS A 390 4.84 34.11 8.59
CA LYS A 390 6.10 33.42 8.35
C LYS A 390 6.22 32.23 9.28
N PHE A 391 7.13 31.32 8.96
CA PHE A 391 7.50 30.23 9.84
C PHE A 391 8.74 30.63 10.62
N THR A 392 8.59 30.73 11.94
CA THR A 392 9.72 31.05 12.81
C THR A 392 10.30 29.78 13.38
N PHE A 393 11.57 29.54 13.11
CA PHE A 393 12.23 28.34 13.62
C PHE A 393 12.55 28.47 15.10
N LEU A 394 12.18 27.47 15.88
CA LEU A 394 12.48 27.46 17.31
C LEU A 394 13.95 27.11 17.50
N LYS A 395 14.58 27.74 18.49
CA LYS A 395 16.00 27.58 18.71
C LYS A 395 16.31 26.39 19.62
N ASN B 32 -32.77 -7.15 -19.40
CA ASN B 32 -32.18 -6.37 -18.32
C ASN B 32 -31.46 -7.23 -17.29
N THR B 33 -30.19 -6.93 -17.06
CA THR B 33 -29.36 -7.67 -16.10
C THR B 33 -28.53 -6.71 -15.27
N ILE B 34 -28.02 -7.18 -14.14
CA ILE B 34 -27.18 -6.36 -13.26
C ILE B 34 -25.72 -6.80 -13.43
N PRO B 35 -24.85 -5.89 -13.93
CA PRO B 35 -23.46 -6.27 -14.23
C PRO B 35 -22.55 -6.23 -13.00
N ILE B 36 -21.84 -7.34 -12.77
CA ILE B 36 -20.87 -7.44 -11.70
C ILE B 36 -19.53 -7.78 -12.36
N GLY B 37 -18.49 -7.00 -12.05
CA GLY B 37 -17.20 -7.22 -12.67
C GLY B 37 -16.39 -8.27 -11.94
N ILE B 38 -15.71 -9.09 -12.72
CA ILE B 38 -14.80 -10.10 -12.18
C ILE B 38 -13.41 -9.82 -12.77
N ALA B 39 -12.49 -9.38 -11.93
CA ALA B 39 -11.15 -8.98 -12.37
C ALA B 39 -10.16 -9.93 -11.70
N LEU B 40 -9.79 -10.98 -12.42
CA LEU B 40 -8.93 -12.03 -11.89
C LEU B 40 -7.83 -12.38 -12.88
N ALA B 41 -6.79 -13.06 -12.41
CA ALA B 41 -5.68 -13.43 -13.27
C ALA B 41 -6.04 -14.67 -14.10
N GLN B 42 -6.24 -14.46 -15.39
CA GLN B 42 -6.57 -15.53 -16.32
C GLN B 42 -5.41 -15.89 -17.25
N THR B 43 -4.38 -15.05 -17.23
CA THR B 43 -3.13 -15.31 -17.93
C THR B 43 -1.99 -15.02 -16.95
N SER B 44 -0.77 -15.43 -17.34
CA SER B 44 0.46 -15.37 -16.53
C SER B 44 0.52 -16.55 -15.56
N ASN B 45 1.66 -16.70 -14.87
CA ASN B 45 1.74 -17.74 -13.84
C ASN B 45 0.77 -17.49 -12.70
N VAL B 46 0.28 -16.26 -12.56
CA VAL B 46 -0.71 -15.96 -11.53
C VAL B 46 -2.05 -16.66 -11.84
N ALA B 47 -2.26 -17.03 -13.10
CA ALA B 47 -3.46 -17.76 -13.50
C ALA B 47 -3.54 -19.16 -12.90
N LEU B 48 -2.42 -19.71 -12.43
CA LEU B 48 -2.47 -20.98 -11.71
C LEU B 48 -3.31 -20.86 -10.44
N LEU B 49 -3.42 -19.64 -9.92
CA LEU B 49 -4.29 -19.32 -8.79
C LEU B 49 -5.64 -18.77 -9.27
N GLY B 50 -5.59 -17.82 -10.21
CA GLY B 50 -6.79 -17.13 -10.65
C GLY B 50 -7.82 -17.99 -11.36
N GLN B 51 -7.37 -19.00 -12.09
CA GLN B 51 -8.33 -19.82 -12.82
C GLN B 51 -9.30 -20.58 -11.92
N GLU B 52 -8.86 -20.95 -10.71
CA GLU B 52 -9.76 -21.59 -9.75
C GLU B 52 -10.83 -20.60 -9.28
N GLN B 53 -10.44 -19.35 -9.16
CA GLN B 53 -11.37 -18.31 -8.75
C GLN B 53 -12.41 -18.08 -9.83
N VAL B 54 -11.95 -18.03 -11.09
CA VAL B 54 -12.86 -17.89 -12.21
C VAL B 54 -13.89 -19.04 -12.20
N ALA B 55 -13.43 -20.26 -11.97
CA ALA B 55 -14.33 -21.42 -11.93
C ALA B 55 -15.42 -21.25 -10.85
N GLY B 56 -15.02 -20.80 -9.68
CA GLY B 56 -15.97 -20.57 -8.60
C GLY B 56 -16.99 -19.48 -8.90
N ALA B 57 -16.51 -18.42 -9.53
CA ALA B 57 -17.38 -17.32 -9.94
C ALA B 57 -18.43 -17.78 -10.95
N LYS B 58 -18.01 -18.58 -11.92
CA LYS B 58 -18.93 -19.09 -12.93
C LYS B 58 -19.99 -20.01 -12.33
N ILE B 59 -19.57 -20.85 -11.38
CA ILE B 59 -20.52 -21.71 -10.68
C ILE B 59 -21.53 -20.86 -9.91
N ALA B 60 -21.05 -19.80 -9.27
CA ALA B 60 -21.96 -18.88 -8.57
C ALA B 60 -22.97 -18.22 -9.50
N GLU B 61 -22.52 -17.76 -10.68
CA GLU B 61 -23.43 -17.09 -11.61
C GLU B 61 -24.60 -17.99 -11.96
N LYS B 62 -24.30 -19.24 -12.28
CA LYS B 62 -25.36 -20.18 -12.63
C LYS B 62 -26.24 -20.48 -11.43
N TYR B 63 -25.63 -20.73 -10.28
CA TYR B 63 -26.39 -21.05 -9.07
C TYR B 63 -27.37 -19.93 -8.74
N PHE B 64 -26.90 -18.70 -8.69
CA PHE B 64 -27.76 -17.60 -8.28
C PHE B 64 -28.78 -17.21 -9.34
N ASN B 65 -28.39 -17.27 -10.60
CA ASN B 65 -29.35 -16.98 -11.66
C ASN B 65 -30.44 -18.05 -11.78
N ASP B 66 -30.08 -19.31 -11.51
CA ASP B 66 -31.08 -20.38 -11.53
C ASP B 66 -32.15 -20.15 -10.47
N LYS B 67 -31.80 -19.42 -9.43
CA LYS B 67 -32.72 -19.14 -8.33
C LYS B 67 -33.38 -17.78 -8.47
N GLY B 68 -33.23 -17.19 -9.66
CA GLY B 68 -33.91 -15.95 -9.98
C GLY B 68 -33.08 -14.69 -9.88
N GLY B 69 -31.76 -14.83 -9.70
CA GLY B 69 -30.88 -13.68 -9.66
C GLY B 69 -31.21 -12.78 -8.50
N VAL B 70 -31.38 -11.49 -8.80
CA VAL B 70 -31.71 -10.50 -7.77
C VAL B 70 -33.20 -10.24 -7.83
N ASN B 71 -33.95 -10.99 -7.03
CA ASN B 71 -35.41 -10.85 -6.97
C ASN B 71 -36.06 -10.85 -8.35
N GLY B 72 -35.55 -11.70 -9.24
CA GLY B 72 -36.07 -11.80 -10.59
C GLY B 72 -35.17 -11.27 -11.69
N THR B 73 -34.25 -10.37 -11.34
CA THR B 73 -33.36 -9.78 -12.33
C THR B 73 -32.05 -10.56 -12.34
N PRO B 74 -31.69 -11.14 -13.50
CA PRO B 74 -30.43 -11.89 -13.52
C PRO B 74 -29.22 -11.00 -13.30
N ILE B 75 -28.16 -11.58 -12.73
CA ILE B 75 -26.88 -10.92 -12.75
C ILE B 75 -26.16 -11.31 -14.04
N LYS B 76 -25.18 -10.49 -14.42
CA LYS B 76 -24.28 -10.83 -15.51
C LYS B 76 -22.86 -10.57 -15.04
N LEU B 77 -22.06 -11.63 -14.95
CA LEU B 77 -20.66 -11.47 -14.61
C LEU B 77 -19.90 -11.03 -15.86
N ILE B 78 -19.13 -9.96 -15.72
CA ILE B 78 -18.30 -9.47 -16.81
CA ILE B 78 -18.30 -9.44 -16.79
C ILE B 78 -16.85 -9.67 -16.41
N PHE B 79 -16.16 -10.52 -17.15
CA PHE B 79 -14.79 -10.89 -16.83
C PHE B 79 -13.78 -10.02 -17.57
N GLN B 80 -12.84 -9.45 -16.82
CA GLN B 80 -11.71 -8.75 -17.42
CA GLN B 80 -11.71 -8.74 -17.41
C GLN B 80 -10.42 -9.28 -16.80
N ASP B 81 -9.61 -9.92 -17.63
CA ASP B 81 -8.34 -10.49 -17.20
C ASP B 81 -7.40 -9.38 -16.73
N THR B 82 -6.83 -9.57 -15.55
CA THR B 82 -5.86 -8.63 -14.97
C THR B 82 -4.43 -8.94 -15.38
N ALA B 83 -4.21 -10.12 -15.95
CA ALA B 83 -2.86 -10.68 -16.07
C ALA B 83 -2.18 -10.70 -14.70
N GLY B 84 -0.85 -10.64 -14.67
CA GLY B 84 -0.15 -10.93 -13.43
C GLY B 84 0.51 -9.75 -12.73
N ASP B 85 0.29 -8.54 -13.22
CA ASP B 85 0.95 -7.37 -12.65
C ASP B 85 -0.04 -6.29 -12.20
N GLU B 86 0.47 -5.15 -11.73
CA GLU B 86 -0.37 -4.08 -11.25
C GLU B 86 -1.06 -3.35 -12.40
N ALA B 87 -0.29 -3.01 -13.43
CA ALA B 87 -0.83 -2.26 -14.56
C ALA B 87 -2.03 -2.96 -15.19
N GLY B 88 -1.94 -4.28 -15.32
CA GLY B 88 -3.03 -5.03 -15.91
C GLY B 88 -4.27 -5.01 -15.04
N THR B 89 -4.05 -4.98 -13.72
CA THR B 89 -5.17 -4.93 -12.79
C THR B 89 -5.86 -3.57 -12.83
N ILE B 90 -5.05 -2.51 -12.85
CA ILE B 90 -5.58 -1.16 -12.97
C ILE B 90 -6.40 -1.03 -14.25
N ASN B 91 -5.86 -1.54 -15.35
CA ASN B 91 -6.59 -1.49 -16.62
C ASN B 91 -7.91 -2.24 -16.55
N ALA B 92 -7.87 -3.45 -15.98
CA ALA B 92 -9.09 -4.23 -15.83
C ALA B 92 -10.14 -3.50 -14.99
N PHE B 93 -9.72 -2.97 -13.83
CA PHE B 93 -10.65 -2.23 -12.98
C PHE B 93 -11.25 -1.03 -13.73
N GLN B 94 -10.41 -0.25 -14.40
CA GLN B 94 -10.90 0.94 -15.09
C GLN B 94 -11.87 0.58 -16.20
N THR B 95 -11.58 -0.49 -16.93
CA THR B 95 -12.50 -0.94 -17.96
C THR B 95 -13.84 -1.37 -17.38
N LEU B 96 -13.80 -2.16 -16.31
CA LEU B 96 -15.02 -2.61 -15.67
C LEU B 96 -15.87 -1.44 -15.13
N ILE B 97 -15.20 -0.45 -14.57
CA ILE B 97 -15.89 0.68 -13.97
C ILE B 97 -16.48 1.62 -15.03
N ASN B 98 -15.67 1.92 -16.04
CA ASN B 98 -16.03 2.95 -17.02
C ASN B 98 -16.72 2.45 -18.28
N LYS B 99 -16.28 1.32 -18.81
CA LYS B 99 -16.90 0.77 -20.01
C LYS B 99 -18.05 -0.16 -19.67
N ASP B 100 -17.80 -1.06 -18.73
CA ASP B 100 -18.79 -2.09 -18.40
C ASP B 100 -19.81 -1.64 -17.36
N LYS B 101 -19.57 -0.48 -16.74
CA LYS B 101 -20.54 0.13 -15.82
C LYS B 101 -20.97 -0.82 -14.70
N VAL B 102 -20.02 -1.58 -14.15
CA VAL B 102 -20.37 -2.60 -13.17
C VAL B 102 -20.81 -1.98 -11.84
N VAL B 103 -21.66 -2.69 -11.12
CA VAL B 103 -22.11 -2.20 -9.82
C VAL B 103 -21.09 -2.46 -8.71
N GLY B 104 -20.15 -3.37 -8.97
CA GLY B 104 -19.14 -3.76 -8.01
C GLY B 104 -18.17 -4.71 -8.68
N ILE B 105 -17.01 -4.90 -8.06
CA ILE B 105 -15.95 -5.75 -8.58
C ILE B 105 -15.66 -6.87 -7.58
N VAL B 106 -15.45 -8.08 -8.11
CA VAL B 106 -14.84 -9.17 -7.37
C VAL B 106 -13.41 -9.30 -7.89
N GLY B 107 -12.43 -9.15 -7.01
CA GLY B 107 -11.04 -9.28 -7.40
C GLY B 107 -10.17 -8.37 -6.55
N PRO B 108 -8.88 -8.23 -6.90
CA PRO B 108 -8.19 -9.01 -7.92
C PRO B 108 -7.70 -10.32 -7.27
N THR B 109 -6.85 -11.07 -7.97
CA THR B 109 -6.35 -12.33 -7.44
C THR B 109 -5.33 -12.12 -6.30
N LEU B 110 -4.34 -11.27 -6.54
CA LEU B 110 -3.24 -11.10 -5.59
C LEU B 110 -3.34 -9.84 -4.75
N SER B 111 -2.94 -9.96 -3.49
CA SER B 111 -2.75 -8.78 -2.65
C SER B 111 -1.81 -7.75 -3.31
N GLN B 112 -0.75 -8.22 -3.96
CA GLN B 112 0.19 -7.35 -4.66
C GLN B 112 -0.57 -6.43 -5.64
N GLN B 113 -1.53 -7.00 -6.35
CA GLN B 113 -2.32 -6.25 -7.30
C GLN B 113 -3.34 -5.33 -6.61
N ALA B 114 -3.94 -5.81 -5.53
CA ALA B 114 -4.95 -5.06 -4.79
C ALA B 114 -4.41 -3.75 -4.24
N PHE B 115 -3.18 -3.74 -3.73
CA PHE B 115 -2.66 -2.51 -3.14
C PHE B 115 -2.52 -1.40 -4.17
N SER B 116 -2.30 -1.75 -5.43
CA SER B 116 -2.19 -0.76 -6.48
CA SER B 116 -2.21 -0.73 -6.48
C SER B 116 -3.55 -0.39 -7.10
N ALA B 117 -4.39 -1.39 -7.34
CA ALA B 117 -5.63 -1.19 -8.07
C ALA B 117 -6.83 -0.83 -7.20
N ASN B 118 -6.93 -1.40 -6.00
CA ASN B 118 -8.09 -1.11 -5.17
C ASN B 118 -8.28 0.39 -4.88
N PRO B 119 -7.19 1.18 -4.70
CA PRO B 119 -7.41 2.60 -4.50
C PRO B 119 -8.14 3.29 -5.68
N ILE B 120 -8.03 2.73 -6.89
CA ILE B 120 -8.76 3.23 -8.04
C ILE B 120 -10.26 3.10 -7.82
N ALA B 121 -10.68 1.91 -7.40
CA ALA B 121 -12.08 1.65 -7.10
C ALA B 121 -12.57 2.49 -5.92
N GLU B 122 -11.74 2.60 -4.89
CA GLU B 122 -12.09 3.41 -3.72
C GLU B 122 -12.37 4.85 -4.14
N ARG B 123 -11.47 5.42 -4.94
CA ARG B 123 -11.61 6.80 -5.39
C ARG B 123 -12.88 6.97 -6.24
N ALA B 124 -13.18 5.95 -7.03
CA ALA B 124 -14.35 5.96 -7.91
C ALA B 124 -15.66 5.61 -7.17
N LYS B 125 -15.56 5.24 -5.89
CA LYS B 125 -16.71 4.82 -5.10
CA LYS B 125 -16.71 4.82 -5.09
C LYS B 125 -17.43 3.62 -5.73
N VAL B 126 -16.64 2.60 -6.05
CA VAL B 126 -17.13 1.34 -6.58
C VAL B 126 -16.69 0.25 -5.61
N PRO B 127 -17.65 -0.56 -5.11
CA PRO B 127 -17.22 -1.60 -4.16
C PRO B 127 -16.31 -2.65 -4.79
N VAL B 128 -15.37 -3.13 -3.99
CA VAL B 128 -14.52 -4.26 -4.32
C VAL B 128 -14.67 -5.27 -3.20
N VAL B 129 -14.89 -6.53 -3.57
CA VAL B 129 -14.86 -7.62 -2.61
C VAL B 129 -13.75 -8.57 -3.05
N GLY B 130 -12.70 -8.65 -2.25
CA GLY B 130 -11.58 -9.51 -2.60
C GLY B 130 -11.87 -10.96 -2.19
N PRO B 131 -11.70 -11.91 -3.12
CA PRO B 131 -12.04 -13.28 -2.77
C PRO B 131 -10.98 -13.94 -1.89
N SER B 132 -9.71 -13.63 -2.13
CA SER B 132 -8.64 -14.45 -1.58
C SER B 132 -7.43 -13.66 -1.12
N ASN B 133 -7.50 -12.33 -1.16
N ASN B 133 -7.52 -12.33 -1.18
CA ASN B 133 -6.32 -11.54 -0.81
CA ASN B 133 -6.44 -11.40 -0.78
C ASN B 133 -6.17 -11.30 0.68
C ASN B 133 -6.27 -11.45 0.74
N THR B 134 -5.12 -11.90 1.22
CA THR B 134 -4.98 -12.10 2.65
C THR B 134 -3.86 -11.31 3.31
N ALA B 135 -3.17 -10.44 2.57
CA ALA B 135 -2.15 -9.60 3.17
C ALA B 135 -2.75 -8.66 4.22
N LYS B 136 -1.96 -8.33 5.23
CA LYS B 136 -2.34 -7.30 6.18
C LYS B 136 -2.58 -5.98 5.46
N GLY B 137 -3.67 -5.29 5.80
CA GLY B 137 -3.90 -3.94 5.33
C GLY B 137 -4.88 -3.77 4.18
N ILE B 138 -5.41 -4.86 3.64
CA ILE B 138 -6.28 -4.73 2.49
C ILE B 138 -7.61 -3.99 2.78
N PRO B 139 -8.37 -4.40 3.83
CA PRO B 139 -9.61 -3.66 4.09
C PRO B 139 -9.37 -2.19 4.43
N GLU B 140 -8.20 -1.90 4.99
CA GLU B 140 -7.82 -0.56 5.37
C GLU B 140 -7.57 0.36 4.16
N ILE B 141 -7.53 -0.20 2.95
CA ILE B 141 -7.37 0.61 1.74
C ILE B 141 -8.51 1.64 1.63
N GLY B 142 -9.70 1.27 2.08
CA GLY B 142 -10.76 2.26 2.10
C GLY B 142 -12.13 1.69 2.40
N ASP B 143 -13.10 2.58 2.39
CA ASP B 143 -14.48 2.26 2.76
C ASP B 143 -15.22 1.40 1.75
N TYR B 144 -14.66 1.25 0.57
CA TYR B 144 -15.25 0.45 -0.50
C TYR B 144 -14.54 -0.89 -0.70
N VAL B 145 -13.57 -1.19 0.16
CA VAL B 145 -12.79 -2.41 0.04
C VAL B 145 -13.11 -3.38 1.16
N ALA B 146 -13.67 -4.53 0.80
CA ALA B 146 -13.94 -5.60 1.75
C ALA B 146 -13.31 -6.89 1.21
N ARG B 147 -13.23 -7.92 2.05
CA ARG B 147 -12.74 -9.20 1.57
C ARG B 147 -13.47 -10.32 2.30
N VAL B 148 -13.61 -11.46 1.63
CA VAL B 148 -14.21 -12.63 2.27
C VAL B 148 -13.16 -13.62 2.73
N SER B 149 -11.89 -13.29 2.56
CA SER B 149 -10.79 -14.17 2.92
C SER B 149 -10.08 -13.69 4.17
N ALA B 150 -10.11 -14.50 5.23
CA ALA B 150 -9.46 -14.17 6.49
C ALA B 150 -7.97 -13.98 6.23
N PRO B 151 -7.35 -13.02 6.93
CA PRO B 151 -5.96 -12.68 6.61
C PRO B 151 -4.93 -13.66 7.15
N VAL B 152 -3.70 -13.46 6.71
CA VAL B 152 -2.59 -14.32 7.07
C VAL B 152 -2.41 -14.49 8.57
N SER B 153 -2.69 -13.45 9.34
CA SER B 153 -2.51 -13.52 10.79
C SER B 153 -3.40 -14.57 11.44
N VAL B 154 -4.55 -14.84 10.82
CA VAL B 154 -5.50 -15.83 11.32
C VAL B 154 -5.23 -17.21 10.71
N VAL B 155 -4.87 -17.23 9.43
CA VAL B 155 -4.77 -18.48 8.68
C VAL B 155 -3.44 -19.21 8.90
N ALA B 156 -2.34 -18.51 8.71
CA ALA B 156 -1.01 -19.14 8.71
C ALA B 156 -0.63 -19.93 9.97
N PRO B 157 -0.96 -19.42 11.18
CA PRO B 157 -0.50 -20.19 12.35
C PRO B 157 -1.05 -21.62 12.41
N ASN B 158 -2.21 -21.85 11.80
CA ASN B 158 -2.84 -23.16 11.82
C ASN B 158 -1.93 -24.26 11.28
N SER B 159 -1.20 -23.96 10.22
CA SER B 159 -0.37 -25.00 9.63
C SER B 159 0.87 -25.28 10.47
N VAL B 160 1.40 -24.27 11.16
CA VAL B 160 2.51 -24.50 12.07
C VAL B 160 2.06 -25.42 13.21
N LYS B 161 0.90 -25.11 13.77
CA LYS B 161 0.36 -25.91 14.84
C LYS B 161 0.11 -27.34 14.40
N ALA B 162 -0.39 -27.52 13.18
CA ALA B 162 -0.64 -28.87 12.65
C ALA B 162 0.66 -29.64 12.45
N ALA B 163 1.71 -28.96 11.97
CA ALA B 163 3.00 -29.62 11.78
C ALA B 163 3.56 -30.13 13.11
N LEU B 164 3.44 -29.32 14.16
CA LEU B 164 3.91 -29.71 15.49
CA LEU B 164 3.91 -29.71 15.49
C LEU B 164 3.10 -30.86 16.08
N LYS B 165 1.79 -30.85 15.84
CA LYS B 165 0.94 -31.93 16.32
C LYS B 165 1.35 -33.23 15.63
N GLN B 166 1.62 -33.17 14.33
CA GLN B 166 2.06 -34.35 13.57
C GLN B 166 3.43 -34.83 14.02
N ASN B 167 4.35 -33.90 14.26
CA ASN B 167 5.70 -34.26 14.69
C ASN B 167 6.18 -33.36 15.81
N PRO B 168 5.93 -33.78 17.06
CA PRO B 168 6.35 -33.00 18.22
C PRO B 168 7.85 -32.84 18.34
N ASN B 169 8.63 -33.61 17.56
CA ASN B 169 10.08 -33.49 17.59
C ASN B 169 10.62 -32.27 16.84
N ILE B 170 9.77 -31.57 16.11
CA ILE B 170 10.21 -30.39 15.37
C ILE B 170 10.77 -29.32 16.31
N LYS B 171 12.00 -28.89 16.04
CA LYS B 171 12.65 -27.83 16.83
C LYS B 171 13.22 -26.73 15.95
N LYS B 172 13.76 -27.10 14.79
CA LYS B 172 14.45 -26.16 13.91
C LYS B 172 13.65 -25.88 12.64
N VAL B 173 13.42 -24.60 12.36
CA VAL B 173 12.58 -24.21 11.23
C VAL B 173 13.34 -23.27 10.28
N ALA B 174 13.34 -23.62 8.98
CA ALA B 174 13.87 -22.75 7.95
C ALA B 174 12.71 -22.13 7.19
N VAL B 175 12.77 -20.83 6.94
CA VAL B 175 11.68 -20.10 6.31
C VAL B 175 12.14 -19.45 5.01
N PHE B 176 11.32 -19.58 3.97
CA PHE B 176 11.59 -19.02 2.64
C PHE B 176 10.45 -18.10 2.24
N PHE B 177 10.75 -16.98 1.59
CA PHE B 177 9.67 -16.13 1.09
C PHE B 177 10.03 -15.37 -0.17
N ALA B 178 8.99 -15.07 -0.95
CA ALA B 178 9.10 -14.28 -2.17
C ALA B 178 9.10 -12.80 -1.85
N GLN B 179 10.27 -12.18 -1.93
CA GLN B 179 10.42 -10.81 -1.47
C GLN B 179 9.78 -9.78 -2.38
N ASN B 180 9.39 -10.17 -3.59
CA ASN B 180 8.75 -9.23 -4.50
C ASN B 180 7.23 -9.21 -4.41
N ASP B 181 6.65 -10.08 -3.58
CA ASP B 181 5.20 -10.23 -3.53
C ASP B 181 4.65 -9.80 -2.18
N ALA B 182 3.65 -8.91 -2.20
CA ALA B 182 3.16 -8.28 -0.97
C ALA B 182 2.57 -9.30 0.00
N PHE B 183 1.76 -10.22 -0.52
CA PHE B 183 1.18 -11.24 0.35
C PHE B 183 2.26 -12.14 0.95
N SER B 184 3.25 -12.53 0.15
CA SER B 184 4.28 -13.44 0.64
C SER B 184 5.07 -12.79 1.78
N LYS B 185 5.34 -11.50 1.66
CA LYS B 185 6.02 -10.78 2.72
C LYS B 185 5.17 -10.68 3.98
N SER B 186 3.87 -10.48 3.80
CA SER B 186 2.98 -10.39 4.94
C SER B 186 2.84 -11.76 5.61
N GLU B 187 2.71 -12.81 4.80
CA GLU B 187 2.55 -14.15 5.32
C GLU B 187 3.80 -14.61 6.05
N THR B 188 4.98 -14.31 5.50
CA THR B 188 6.20 -14.80 6.13
C THR B 188 6.41 -14.16 7.48
N GLU B 189 5.96 -12.92 7.65
CA GLU B 189 6.09 -12.27 8.94
C GLU B 189 5.29 -13.03 10.00
N ILE B 190 4.09 -13.47 9.64
CA ILE B 190 3.28 -14.27 10.55
C ILE B 190 3.92 -15.64 10.83
N PHE B 191 4.39 -16.31 9.78
CA PHE B 191 5.05 -17.59 9.98
C PHE B 191 6.27 -17.46 10.90
N GLN B 192 7.10 -16.46 10.66
CA GLN B 192 8.29 -16.26 11.47
C GLN B 192 7.93 -15.96 12.92
N GLN B 193 6.97 -15.08 13.13
CA GLN B 193 6.55 -14.75 14.48
C GLN B 193 5.94 -15.95 15.19
N THR B 194 5.21 -16.77 14.45
CA THR B 194 4.60 -17.98 15.00
C THR B 194 5.68 -18.97 15.43
N VAL B 195 6.69 -19.16 14.59
CA VAL B 195 7.84 -20.00 14.92
C VAL B 195 8.49 -19.55 16.23
N LYS B 196 8.77 -18.26 16.33
CA LYS B 196 9.34 -17.71 17.55
C LYS B 196 8.43 -17.86 18.75
N ASP B 197 7.15 -17.51 18.57
CA ASP B 197 6.19 -17.53 19.68
C ASP B 197 6.00 -18.93 20.22
N GLN B 198 6.10 -19.92 19.34
CA GLN B 198 5.97 -21.32 19.74
C GLN B 198 7.16 -21.77 20.56
N GLY B 199 8.28 -21.07 20.43
CA GLY B 199 9.51 -21.47 21.09
C GLY B 199 10.43 -22.32 20.24
N LEU B 200 10.23 -22.26 18.93
CA LEU B 200 11.06 -23.00 17.98
C LEU B 200 12.25 -22.16 17.53
N GLU B 201 13.24 -22.80 16.92
CA GLU B 201 14.38 -22.07 16.40
CA GLU B 201 14.40 -22.09 16.39
C GLU B 201 14.14 -21.63 14.96
N LEU B 202 14.45 -20.38 14.68
CA LEU B 202 14.37 -19.84 13.33
C LEU B 202 15.79 -19.92 12.76
N VAL B 203 16.10 -21.05 12.13
CA VAL B 203 17.49 -21.31 11.78
C VAL B 203 17.95 -20.50 10.57
N THR B 204 17.03 -20.12 9.69
CA THR B 204 17.37 -19.24 8.59
C THR B 204 16.12 -18.63 7.97
N VAL B 205 16.30 -17.47 7.34
CA VAL B 205 15.28 -16.84 6.51
C VAL B 205 15.90 -16.62 5.14
N GLN B 206 15.35 -17.28 4.13
CA GLN B 206 15.86 -17.23 2.76
C GLN B 206 14.87 -16.50 1.86
N LYS B 207 15.37 -15.59 1.04
CA LYS B 207 14.53 -14.87 0.09
C LYS B 207 14.67 -15.41 -1.33
N PHE B 208 13.61 -15.27 -2.11
CA PHE B 208 13.62 -15.52 -3.53
C PHE B 208 12.63 -14.55 -4.20
N GLN B 209 12.53 -14.63 -5.52
CA GLN B 209 11.54 -13.87 -6.28
C GLN B 209 10.58 -14.84 -6.95
N THR B 210 9.33 -14.41 -7.12
CA THR B 210 8.34 -15.28 -7.77
C THR B 210 8.73 -15.66 -9.19
N THR B 211 9.61 -14.86 -9.81
CA THR B 211 10.05 -15.12 -11.18
C THR B 211 11.25 -16.06 -11.26
N ASP B 212 11.86 -16.38 -10.12
CA ASP B 212 13.04 -17.24 -10.12
C ASP B 212 12.70 -18.66 -10.56
N THR B 213 13.67 -19.33 -11.19
CA THR B 213 13.53 -20.75 -11.50
C THR B 213 14.59 -21.62 -10.84
N ASP B 214 15.66 -20.99 -10.32
CA ASP B 214 16.76 -21.70 -9.68
C ASP B 214 16.78 -21.32 -8.20
N PHE B 215 16.60 -22.31 -7.32
CA PHE B 215 16.61 -22.07 -5.87
C PHE B 215 17.71 -22.87 -5.19
N GLN B 216 18.71 -23.29 -5.95
CA GLN B 216 19.71 -24.21 -5.40
CA GLN B 216 19.75 -24.19 -5.43
C GLN B 216 20.49 -23.62 -4.22
N SER B 217 20.91 -22.37 -4.31
CA SER B 217 21.73 -21.83 -3.23
CA SER B 217 21.70 -21.76 -3.25
C SER B 217 20.91 -21.67 -1.95
N GLN B 218 19.69 -21.14 -2.04
CA GLN B 218 18.86 -20.99 -0.84
C GLN B 218 18.51 -22.35 -0.24
N ALA B 219 18.16 -23.31 -1.10
CA ALA B 219 17.81 -24.64 -0.63
C ALA B 219 18.98 -25.30 0.10
N THR B 220 20.17 -25.19 -0.48
CA THR B 220 21.36 -25.77 0.12
C THR B 220 21.70 -25.09 1.46
N ASN B 221 21.59 -23.75 1.51
CA ASN B 221 21.80 -23.01 2.75
C ASN B 221 20.93 -23.55 3.87
N ALA B 222 19.66 -23.76 3.57
CA ALA B 222 18.73 -24.28 4.57
C ALA B 222 19.04 -25.72 4.94
N ILE B 223 19.27 -26.55 3.94
CA ILE B 223 19.49 -27.98 4.16
C ILE B 223 20.69 -28.22 5.07
N ASN B 224 21.74 -27.42 4.92
CA ASN B 224 22.94 -27.60 5.73
C ASN B 224 22.74 -27.27 7.21
N LEU B 225 21.65 -26.58 7.53
CA LEU B 225 21.30 -26.32 8.92
C LEU B 225 20.45 -27.43 9.53
N LYS B 226 20.16 -28.45 8.72
CA LYS B 226 19.35 -29.59 9.14
C LYS B 226 18.04 -29.22 9.85
N PRO B 227 17.18 -28.45 9.16
CA PRO B 227 15.91 -28.08 9.79
C PRO B 227 14.97 -29.29 9.87
N ASP B 228 14.05 -29.22 10.83
CA ASP B 228 13.01 -30.23 10.96
C ASP B 228 11.76 -29.84 10.19
N LEU B 229 11.65 -28.54 9.89
CA LEU B 229 10.48 -28.00 9.21
C LEU B 229 10.95 -26.88 8.29
N VAL B 230 10.38 -26.84 7.08
CA VAL B 230 10.60 -25.77 6.13
C VAL B 230 9.25 -25.13 5.83
N ILE B 231 9.23 -23.81 5.83
CA ILE B 231 8.01 -23.06 5.53
C ILE B 231 8.24 -22.18 4.31
N ILE B 232 7.35 -22.24 3.34
CA ILE B 232 7.50 -21.51 2.08
C ILE B 232 6.33 -20.57 1.83
N SER B 233 6.62 -19.27 1.70
CA SER B 233 5.62 -18.29 1.28
C SER B 233 5.99 -17.76 -0.09
N GLY B 234 5.36 -18.31 -1.12
CA GLY B 234 5.45 -17.77 -2.46
C GLY B 234 4.15 -18.02 -3.17
N LEU B 235 4.19 -17.99 -4.49
CA LEU B 235 3.01 -18.34 -5.28
C LEU B 235 3.17 -19.79 -5.78
N ALA B 236 2.40 -20.19 -6.80
CA ALA B 236 2.26 -21.63 -7.08
C ALA B 236 3.41 -22.20 -7.91
N ALA B 237 3.73 -21.57 -9.02
CA ALA B 237 4.81 -22.08 -9.87
C ALA B 237 6.14 -22.01 -9.12
N ASP B 238 6.42 -20.86 -8.52
CA ASP B 238 7.65 -20.68 -7.75
C ASP B 238 7.68 -21.58 -6.51
N GLY B 239 6.61 -21.55 -5.72
CA GLY B 239 6.59 -22.35 -4.51
C GLY B 239 6.72 -23.84 -4.78
N GLY B 240 5.99 -24.32 -5.78
CA GLY B 240 6.07 -25.73 -6.14
C GLY B 240 7.46 -26.13 -6.61
N ASN B 241 8.11 -25.26 -7.37
CA ASN B 241 9.46 -25.57 -7.83
C ASN B 241 10.48 -25.53 -6.70
N LEU B 242 10.27 -24.67 -5.72
CA LEU B 242 11.13 -24.65 -4.55
C LEU B 242 10.95 -25.95 -3.74
N VAL B 243 9.71 -26.39 -3.55
CA VAL B 243 9.47 -27.69 -2.91
C VAL B 243 10.23 -28.80 -3.64
N ARG B 244 10.09 -28.81 -4.97
CA ARG B 244 10.73 -29.81 -5.80
C ARG B 244 12.24 -29.80 -5.59
N GLN B 245 12.84 -28.63 -5.67
CA GLN B 245 14.30 -28.53 -5.56
C GLN B 245 14.83 -28.87 -4.17
N LEU B 246 14.09 -28.51 -3.13
CA LEU B 246 14.45 -28.92 -1.78
C LEU B 246 14.48 -30.44 -1.66
N ARG B 247 13.43 -31.09 -2.14
CA ARG B 247 13.37 -32.54 -2.09
C ARG B 247 14.48 -33.19 -2.93
N GLU B 248 14.72 -32.65 -4.12
CA GLU B 248 15.77 -33.18 -5.00
C GLU B 248 17.13 -33.11 -4.33
N LEU B 249 17.34 -32.09 -3.52
CA LEU B 249 18.61 -31.90 -2.80
C LEU B 249 18.68 -32.69 -1.50
N GLY B 250 17.65 -33.48 -1.22
CA GLY B 250 17.71 -34.45 -0.14
C GLY B 250 17.03 -34.05 1.16
N TYR B 251 16.32 -32.92 1.18
CA TYR B 251 15.59 -32.54 2.37
C TYR B 251 14.44 -33.51 2.62
N GLN B 252 14.40 -34.12 3.80
CA GLN B 252 13.39 -35.13 4.11
C GLN B 252 12.42 -34.73 5.22
N GLY B 253 12.56 -33.51 5.72
CA GLY B 253 11.72 -33.07 6.83
C GLY B 253 10.36 -32.57 6.38
N ALA B 254 9.64 -31.98 7.32
CA ALA B 254 8.30 -31.49 7.05
C ALA B 254 8.35 -30.21 6.22
N ILE B 255 7.30 -29.98 5.43
CA ILE B 255 7.15 -28.74 4.67
C ILE B 255 5.76 -28.19 4.84
N ILE B 256 5.68 -26.89 5.14
CA ILE B 256 4.44 -26.11 5.07
C ILE B 256 4.52 -25.21 3.85
N GLY B 257 3.46 -25.23 3.04
CA GLY B 257 3.26 -24.23 2.01
C GLY B 257 2.25 -23.21 2.47
N GLY B 258 2.50 -21.94 2.17
CA GLY B 258 1.53 -20.89 2.42
C GLY B 258 0.43 -20.90 1.39
N ASP B 259 -0.43 -19.89 1.47
CA ASP B 259 -1.63 -19.85 0.64
C ASP B 259 -1.34 -19.83 -0.86
N GLY B 260 -0.17 -19.32 -1.24
CA GLY B 260 0.15 -19.28 -2.65
C GLY B 260 0.42 -20.63 -3.30
N LEU B 261 0.63 -21.66 -2.49
CA LEU B 261 0.80 -23.03 -2.98
C LEU B 261 -0.52 -23.80 -2.89
N ASN B 262 -1.59 -23.13 -2.47
CA ASN B 262 -2.85 -23.80 -2.15
C ASN B 262 -3.72 -24.04 -3.38
N THR B 263 -3.20 -24.84 -4.31
CA THR B 263 -3.95 -25.22 -5.49
C THR B 263 -3.42 -26.55 -6.00
N SER B 264 -4.32 -27.40 -6.49
CA SER B 264 -3.89 -28.66 -7.08
C SER B 264 -3.03 -28.42 -8.32
N ASN B 265 -3.03 -27.18 -8.85
CA ASN B 265 -2.09 -26.88 -9.93
C ASN B 265 -0.64 -27.07 -9.50
N VAL B 266 -0.38 -26.99 -8.19
CA VAL B 266 0.98 -27.22 -7.71
C VAL B 266 1.41 -28.68 -7.87
N PHE B 267 0.45 -29.60 -7.95
CA PHE B 267 0.74 -31.03 -8.08
C PHE B 267 1.51 -31.28 -9.38
N ALA B 268 1.19 -30.50 -10.41
CA ALA B 268 1.85 -30.63 -11.71
C ALA B 268 3.25 -30.04 -11.73
N VAL B 269 3.63 -29.36 -10.66
CA VAL B 269 4.94 -28.73 -10.55
C VAL B 269 5.88 -29.63 -9.75
N CYS B 270 5.51 -29.95 -8.51
CA CYS B 270 6.39 -30.80 -7.70
C CYS B 270 6.17 -32.30 -7.87
N LYS B 271 5.09 -32.69 -8.54
CA LYS B 271 4.82 -34.11 -8.83
C LYS B 271 4.82 -34.92 -7.53
N ALA B 272 5.41 -36.12 -7.51
CA ALA B 272 5.40 -36.91 -6.29
C ALA B 272 6.08 -36.19 -5.13
N LEU B 273 6.98 -35.26 -5.44
CA LEU B 273 7.72 -34.55 -4.41
C LEU B 273 6.86 -33.51 -3.67
N CYS B 274 5.61 -33.30 -4.12
CA CYS B 274 4.65 -32.49 -3.35
C CYS B 274 4.16 -33.24 -2.12
N ASP B 275 4.34 -34.55 -2.09
CA ASP B 275 3.69 -35.37 -1.06
C ASP B 275 4.04 -34.93 0.35
N GLY B 276 3.02 -34.73 1.18
CA GLY B 276 3.25 -34.40 2.57
C GLY B 276 3.21 -32.92 2.92
N VAL B 277 3.25 -32.06 1.92
CA VAL B 277 3.18 -30.61 2.17
C VAL B 277 1.88 -30.26 2.90
N LEU B 278 2.02 -29.51 3.99
CA LEU B 278 0.87 -29.03 4.79
C LEU B 278 0.49 -27.63 4.38
N ILE B 279 -0.80 -27.41 4.13
CA ILE B 279 -1.28 -26.08 3.73
C ILE B 279 -2.57 -25.76 4.49
N ALA B 280 -2.59 -24.63 5.19
CA ALA B 280 -3.77 -24.17 5.90
C ALA B 280 -4.90 -23.87 4.93
N GLN B 281 -6.13 -24.05 5.41
CA GLN B 281 -7.33 -23.91 4.58
C GLN B 281 -8.37 -23.05 5.27
N ALA B 282 -9.06 -22.24 4.47
CA ALA B 282 -10.14 -21.40 4.97
C ALA B 282 -11.49 -21.89 4.46
N TYR B 283 -11.51 -23.14 4.02
CA TYR B 283 -12.68 -23.76 3.41
C TYR B 283 -12.53 -25.26 3.55
N SER B 284 -13.64 -25.98 3.77
CA SER B 284 -13.63 -27.43 3.71
C SER B 284 -14.76 -27.95 2.83
N PRO B 285 -14.44 -28.79 1.84
CA PRO B 285 -15.49 -29.39 1.01
C PRO B 285 -16.54 -30.14 1.84
N GLU B 286 -16.15 -30.65 3.00
CA GLU B 286 -17.06 -31.46 3.80
C GLU B 286 -17.88 -30.65 4.80
N TYR B 287 -17.67 -29.33 4.83
CA TYR B 287 -18.51 -28.46 5.66
C TYR B 287 -19.97 -28.64 5.27
N THR B 288 -20.84 -28.85 6.25
CA THR B 288 -22.20 -29.31 5.98
C THR B 288 -23.24 -28.23 5.73
N GLY B 289 -22.81 -26.97 5.61
CA GLY B 289 -23.75 -25.92 5.30
C GLY B 289 -24.51 -26.20 4.02
N GLU B 290 -25.80 -25.90 4.01
CA GLU B 290 -26.65 -26.21 2.86
C GLU B 290 -26.09 -25.70 1.53
N ILE B 291 -25.66 -24.45 1.51
CA ILE B 291 -25.14 -23.90 0.26
C ILE B 291 -23.80 -24.52 -0.15
N ASN B 292 -23.01 -24.95 0.82
CA ASN B 292 -21.79 -25.64 0.50
C ASN B 292 -22.11 -26.97 -0.18
N LYS B 293 -23.15 -27.65 0.30
CA LYS B 293 -23.55 -28.90 -0.33
C LYS B 293 -23.89 -28.68 -1.80
N ALA B 294 -24.64 -27.62 -2.08
CA ALA B 294 -25.03 -27.30 -3.44
C ALA B 294 -23.83 -26.89 -4.28
N PHE B 295 -22.99 -26.04 -3.71
CA PHE B 295 -21.78 -25.59 -4.40
C PHE B 295 -20.86 -26.76 -4.70
N ARG B 296 -20.62 -27.61 -3.69
CA ARG B 296 -19.76 -28.77 -3.85
C ARG B 296 -20.27 -29.68 -4.94
N GLN B 297 -21.58 -29.94 -4.93
CA GLN B 297 -22.15 -30.84 -5.93
C GLN B 297 -21.97 -30.28 -7.34
N ALA B 298 -22.23 -28.98 -7.49
CA ALA B 298 -22.06 -28.34 -8.79
C ALA B 298 -20.60 -28.40 -9.24
N TYR B 299 -19.67 -28.11 -8.34
CA TYR B 299 -18.26 -28.16 -8.67
C TYR B 299 -17.81 -29.57 -9.07
N VAL B 300 -18.13 -30.55 -8.23
CA VAL B 300 -17.69 -31.92 -8.45
C VAL B 300 -18.26 -32.48 -9.76
N ASP B 301 -19.52 -32.16 -10.04
CA ASP B 301 -20.16 -32.62 -11.26
C ASP B 301 -19.41 -32.17 -12.52
N GLN B 302 -18.86 -30.96 -12.47
CA GLN B 302 -18.20 -30.42 -13.65
C GLN B 302 -16.72 -30.77 -13.75
N TYR B 303 -16.01 -30.68 -12.63
CA TYR B 303 -14.57 -30.81 -12.63
C TYR B 303 -14.04 -32.14 -12.13
N LYS B 304 -14.94 -32.97 -11.62
CA LYS B 304 -14.63 -34.34 -11.19
C LYS B 304 -13.57 -34.38 -10.09
N LYS B 305 -13.46 -33.29 -9.33
CA LYS B 305 -12.59 -33.20 -8.17
C LYS B 305 -13.24 -32.27 -7.16
N GLU B 306 -12.76 -32.31 -5.92
CA GLU B 306 -13.33 -31.47 -4.86
C GLU B 306 -13.08 -29.98 -5.12
N PRO B 307 -14.03 -29.12 -4.71
CA PRO B 307 -13.83 -27.67 -4.87
C PRO B 307 -12.64 -27.17 -4.06
N PRO B 308 -11.73 -26.43 -4.71
CA PRO B 308 -10.62 -25.81 -4.01
C PRO B 308 -11.08 -24.59 -3.22
N GLN B 309 -10.30 -24.24 -2.20
CA GLN B 309 -10.53 -23.02 -1.44
C GLN B 309 -10.76 -21.78 -2.31
N PHE B 310 -9.91 -21.58 -3.31
CA PHE B 310 -10.03 -20.35 -4.11
C PHE B 310 -11.36 -20.31 -4.87
N SER B 311 -11.86 -21.48 -5.27
CA SER B 311 -13.16 -21.52 -5.95
C SER B 311 -14.30 -21.17 -4.97
N ALA B 312 -14.23 -21.72 -3.77
CA ALA B 312 -15.24 -21.44 -2.75
C ALA B 312 -15.25 -19.97 -2.36
N GLN B 313 -14.06 -19.38 -2.25
CA GLN B 313 -13.94 -17.97 -1.89
C GLN B 313 -14.51 -17.07 -2.98
N ALA B 314 -14.24 -17.39 -4.25
CA ALA B 314 -14.81 -16.63 -5.35
C ALA B 314 -16.34 -16.74 -5.38
N PHE B 315 -16.84 -17.95 -5.14
CA PHE B 315 -18.28 -18.14 -5.06
C PHE B 315 -18.86 -17.24 -3.95
N ALA B 316 -18.22 -17.27 -2.78
CA ALA B 316 -18.68 -16.47 -1.64
C ALA B 316 -18.70 -14.98 -1.94
N ALA B 317 -17.70 -14.49 -2.67
CA ALA B 317 -17.67 -13.08 -3.05
C ALA B 317 -18.86 -12.72 -3.95
N VAL B 318 -19.16 -13.56 -4.92
CA VAL B 318 -20.32 -13.34 -5.78
C VAL B 318 -21.61 -13.41 -4.95
N GLN B 319 -21.69 -14.39 -4.05
CA GLN B 319 -22.83 -14.53 -3.15
C GLN B 319 -23.07 -13.27 -2.32
N VAL B 320 -22.01 -12.69 -1.79
CA VAL B 320 -22.13 -11.44 -1.05
C VAL B 320 -22.79 -10.36 -1.90
N TYR B 321 -22.34 -10.20 -3.15
CA TYR B 321 -22.98 -9.24 -4.04
C TYR B 321 -24.45 -9.59 -4.34
N VAL B 322 -24.75 -10.85 -4.66
CA VAL B 322 -26.12 -11.22 -5.00
C VAL B 322 -27.06 -10.98 -3.80
N GLU B 323 -26.67 -11.43 -2.63
CA GLU B 323 -27.54 -11.32 -1.47
C GLU B 323 -27.66 -9.87 -1.00
N SER B 324 -26.60 -9.09 -1.13
CA SER B 324 -26.67 -7.67 -0.81
CA SER B 324 -26.70 -7.68 -0.77
C SER B 324 -27.55 -6.91 -1.80
N LEU B 325 -27.43 -7.25 -3.07
CA LEU B 325 -28.30 -6.66 -4.08
C LEU B 325 -29.75 -6.99 -3.80
N LYS B 326 -30.04 -8.24 -3.41
CA LYS B 326 -31.41 -8.63 -3.08
C LYS B 326 -31.92 -7.84 -1.89
N ALA B 327 -31.09 -7.70 -0.86
CA ALA B 327 -31.48 -6.99 0.34
C ALA B 327 -31.71 -5.51 0.08
N LEU B 328 -30.81 -4.89 -0.68
CA LEU B 328 -30.97 -3.51 -1.09
C LEU B 328 -32.25 -3.35 -1.91
N ASP B 329 -32.43 -4.22 -2.90
CA ASP B 329 -33.57 -4.15 -3.81
C ASP B 329 -34.91 -4.24 -3.06
N THR B 330 -34.95 -5.08 -2.02
CA THR B 330 -36.14 -5.24 -1.18
C THR B 330 -36.52 -3.91 -0.53
N LYS B 331 -35.50 -3.16 -0.10
CA LYS B 331 -35.74 -1.90 0.60
C LYS B 331 -35.96 -0.74 -0.36
N ASN B 332 -35.27 -0.78 -1.49
CA ASN B 332 -35.27 0.30 -2.47
C ASN B 332 -34.92 -0.32 -3.81
N LYS B 333 -35.92 -0.42 -4.69
CA LYS B 333 -35.79 -1.08 -5.98
CA LYS B 333 -35.77 -1.10 -5.97
C LYS B 333 -34.58 -0.57 -6.75
N VAL B 334 -33.63 -1.46 -7.03
CA VAL B 334 -32.37 -1.05 -7.66
C VAL B 334 -32.55 -0.55 -9.10
N SER B 335 -33.64 -0.95 -9.74
CA SER B 335 -33.91 -0.48 -11.10
C SER B 335 -34.18 1.04 -11.13
N LYS B 336 -34.49 1.61 -9.97
CA LYS B 336 -34.82 3.02 -9.87
C LYS B 336 -33.63 3.87 -9.46
N ILE B 337 -32.49 3.24 -9.23
CA ILE B 337 -31.33 3.91 -8.67
C ILE B 337 -30.28 4.15 -9.75
N GLN B 338 -29.80 5.39 -9.89
CA GLN B 338 -28.70 5.65 -10.83
C GLN B 338 -27.41 4.99 -10.36
N LEU B 339 -26.51 4.72 -11.30
CA LEU B 339 -25.34 3.90 -11.02
C LEU B 339 -24.45 4.38 -9.86
N PRO B 340 -24.12 5.69 -9.80
CA PRO B 340 -23.23 6.10 -8.70
C PRO B 340 -23.87 5.85 -7.33
N GLU B 341 -25.15 6.14 -7.20
CA GLU B 341 -25.86 5.89 -5.95
C GLU B 341 -26.01 4.40 -5.67
N LEU B 342 -26.26 3.62 -6.71
CA LEU B 342 -26.39 2.17 -6.56
C LEU B 342 -25.09 1.57 -6.01
N ARG B 343 -23.96 1.99 -6.56
CA ARG B 343 -22.66 1.52 -6.08
C ARG B 343 -22.45 1.85 -4.61
N THR B 344 -22.76 3.08 -4.22
CA THR B 344 -22.58 3.48 -2.84
C THR B 344 -23.53 2.76 -1.89
N GLU B 345 -24.80 2.62 -2.30
CA GLU B 345 -25.76 1.92 -1.46
C GLU B 345 -25.47 0.42 -1.37
N LEU B 346 -24.95 -0.15 -2.46
CA LEU B 346 -24.58 -1.56 -2.45
C LEU B 346 -23.42 -1.81 -1.49
N ASN B 347 -22.42 -0.94 -1.54
CA ASN B 347 -21.30 -1.04 -0.64
C ASN B 347 -21.76 -0.95 0.83
N LYS B 348 -22.62 0.02 1.12
CA LYS B 348 -23.15 0.18 2.47
C LYS B 348 -23.91 -1.07 2.91
N GLN B 349 -24.75 -1.58 2.01
CA GLN B 349 -25.54 -2.76 2.32
C GLN B 349 -24.66 -3.97 2.60
N LEU B 350 -23.68 -4.23 1.73
CA LEU B 350 -22.96 -5.49 1.84
C LEU B 350 -22.21 -5.59 3.15
N LEU B 351 -21.73 -4.46 3.65
CA LEU B 351 -20.98 -4.44 4.90
C LEU B 351 -21.85 -4.82 6.11
N THR B 352 -23.16 -4.68 5.97
CA THR B 352 -24.07 -4.99 7.08
C THR B 352 -24.59 -6.43 7.06
N GLY B 353 -24.31 -7.17 6.00
CA GLY B 353 -24.97 -8.45 5.81
C GLY B 353 -24.36 -9.61 6.55
N LYS B 354 -25.17 -10.64 6.74
CA LYS B 354 -24.71 -11.92 7.26
C LYS B 354 -24.99 -12.93 6.16
N TYR B 355 -24.01 -13.78 5.88
CA TYR B 355 -24.09 -14.68 4.72
C TYR B 355 -23.72 -16.10 5.10
N ASN B 356 -24.56 -17.05 4.70
CA ASN B 356 -24.27 -18.46 4.87
C ASN B 356 -23.68 -18.97 3.58
N THR B 357 -22.34 -19.05 3.54
CA THR B 357 -21.61 -19.26 2.30
C THR B 357 -20.92 -20.63 2.33
N PRO B 358 -20.26 -21.04 1.22
CA PRO B 358 -19.49 -22.27 1.32
C PRO B 358 -18.38 -22.22 2.38
N LEU B 359 -17.91 -21.02 2.71
CA LEU B 359 -16.88 -20.82 3.72
C LEU B 359 -17.42 -20.91 5.15
N GLY B 360 -18.72 -21.07 5.28
CA GLY B 360 -19.38 -20.95 6.56
C GLY B 360 -20.16 -19.66 6.68
N GLU B 361 -20.67 -19.41 7.87
CA GLU B 361 -21.36 -18.16 8.15
C GLU B 361 -20.33 -17.06 8.31
N ILE B 362 -20.45 -16.03 7.47
CA ILE B 362 -19.53 -14.90 7.52
C ILE B 362 -20.28 -13.58 7.56
N SER B 363 -19.57 -12.55 7.98
CA SER B 363 -20.06 -11.19 7.97
C SER B 363 -18.84 -10.28 7.92
N PHE B 364 -19.05 -8.98 8.03
CA PHE B 364 -17.96 -8.01 7.95
C PHE B 364 -17.93 -7.11 9.17
N THR B 365 -16.75 -6.63 9.51
CA THR B 365 -16.64 -5.50 10.41
C THR B 365 -16.79 -4.23 9.56
N PRO B 366 -16.99 -3.07 10.19
CA PRO B 366 -17.21 -1.86 9.38
C PRO B 366 -16.05 -1.51 8.45
N ILE B 367 -14.84 -1.93 8.79
CA ILE B 367 -13.69 -1.65 7.94
C ILE B 367 -13.61 -2.60 6.75
N GLY B 368 -14.48 -3.61 6.71
CA GLY B 368 -14.50 -4.53 5.58
C GLY B 368 -13.71 -5.81 5.78
N GLU B 369 -13.27 -6.06 7.00
CA GLU B 369 -12.61 -7.32 7.33
C GLU B 369 -13.66 -8.40 7.48
N VAL B 370 -13.33 -9.62 7.08
CA VAL B 370 -14.27 -10.73 7.22
C VAL B 370 -14.30 -11.23 8.65
N VAL B 371 -15.48 -11.69 9.04
CA VAL B 371 -15.69 -12.41 10.29
C VAL B 371 -15.95 -13.88 9.91
N GLN B 372 -15.04 -14.77 10.30
CA GLN B 372 -15.13 -16.20 9.95
C GLN B 372 -14.52 -17.05 11.05
N LYS B 373 -15.23 -18.11 11.46
CA LYS B 373 -14.84 -18.89 12.64
C LYS B 373 -13.92 -20.09 12.36
N ASP B 374 -14.20 -20.82 11.29
CA ASP B 374 -13.56 -22.13 11.13
C ASP B 374 -12.42 -22.17 10.12
N PHE B 375 -11.34 -22.83 10.52
CA PHE B 375 -10.19 -23.03 9.64
C PHE B 375 -9.72 -24.47 9.76
N TYR B 376 -8.94 -24.91 8.78
CA TYR B 376 -8.52 -26.30 8.69
C TYR B 376 -7.08 -26.35 8.21
N VAL B 377 -6.50 -27.54 8.22
CA VAL B 377 -5.23 -27.78 7.54
C VAL B 377 -5.39 -29.05 6.71
N ALA B 378 -4.85 -29.02 5.51
CA ALA B 378 -4.83 -30.19 4.65
C ALA B 378 -3.40 -30.54 4.28
N GLN B 379 -3.22 -31.78 3.87
CA GLN B 379 -1.91 -32.30 3.51
C GLN B 379 -1.98 -32.90 2.12
N ILE B 380 -1.01 -32.57 1.28
CA ILE B 380 -1.00 -33.11 -0.07
C ILE B 380 -0.67 -34.60 -0.04
N LYS B 381 -1.51 -35.39 -0.69
CA LYS B 381 -1.25 -36.81 -0.84
CA LYS B 381 -1.24 -36.82 -0.85
C LYS B 381 -1.14 -37.12 -2.33
N MSE B 382 0.07 -37.46 -2.78
CA MSE B 382 0.31 -37.75 -4.19
C MSE B 382 0.26 -39.25 -4.46
O MSE B 382 0.67 -40.05 -3.62
CB MSE B 382 1.69 -37.26 -4.62
CG MSE B 382 1.90 -35.76 -4.50
SE MSE B 382 0.65 -34.69 -5.58
CE MSE B 382 1.09 -35.39 -7.34
N GLU B 383 -0.23 -39.61 -5.64
CA GLU B 383 -0.02 -40.97 -6.14
C GLU B 383 1.47 -41.21 -6.34
N LYS B 384 1.90 -42.46 -6.21
CA LYS B 384 3.31 -42.80 -6.26
C LYS B 384 4.02 -42.33 -7.53
N ASP B 385 3.34 -42.44 -8.67
CA ASP B 385 3.93 -42.02 -9.94
C ASP B 385 3.87 -40.51 -10.17
N GLY B 386 3.28 -39.79 -9.21
CA GLY B 386 3.24 -38.33 -9.24
C GLY B 386 2.25 -37.71 -10.21
N SER B 387 1.42 -38.54 -10.82
CA SER B 387 0.55 -38.07 -11.90
C SER B 387 -0.78 -37.47 -11.42
N GLN B 388 -1.12 -37.72 -10.16
CA GLN B 388 -2.39 -37.25 -9.58
C GLN B 388 -2.19 -37.08 -8.09
N GLY B 389 -2.97 -36.19 -7.48
CA GLY B 389 -2.93 -36.03 -6.03
C GLY B 389 -4.21 -35.45 -5.50
N LYS B 390 -4.27 -35.28 -4.18
CA LYS B 390 -5.43 -34.67 -3.53
C LYS B 390 -5.00 -34.04 -2.23
N PHE B 391 -5.83 -33.13 -1.73
CA PHE B 391 -5.64 -32.58 -0.41
C PHE B 391 -6.41 -33.41 0.59
N THR B 392 -5.72 -33.93 1.60
CA THR B 392 -6.37 -34.67 2.65
C THR B 392 -6.52 -33.79 3.88
N PHE B 393 -7.75 -33.59 4.30
CA PHE B 393 -8.01 -32.71 5.44
C PHE B 393 -7.71 -33.41 6.75
N LEU B 394 -6.92 -32.74 7.58
CA LEU B 394 -6.59 -33.27 8.90
C LEU B 394 -7.80 -33.14 9.81
N LYS B 395 -7.98 -34.12 10.69
CA LYS B 395 -9.13 -34.13 11.58
C LYS B 395 -8.82 -33.41 12.88
N ILE C . 4.52 14.04 3.86
CA ILE C . 3.18 13.99 3.28
C ILE C . 2.96 12.67 2.55
O ILE C . 3.79 11.75 2.72
CB ILE C . 2.88 15.22 2.37
CG1 ILE C . 4.02 15.46 1.36
CG2 ILE C . 2.66 16.46 3.23
CD1 ILE C . 3.72 16.56 0.38
OXT ILE C . 1.97 12.50 1.82
CL CL D . -17.32 19.79 4.51
MG MG E . 13.28 0.70 -1.85
N ILE F . -3.71 -15.05 -0.55
CA ILE F . -2.73 -14.69 -1.57
C ILE F . -2.73 -13.17 -1.77
O ILE F . -3.30 -12.48 -0.91
CB ILE F . -2.95 -15.46 -2.90
CG1 ILE F . -4.42 -15.40 -3.34
CG2 ILE F . -2.50 -16.91 -2.74
CD1 ILE F . -4.67 -16.02 -4.69
OXT ILE F . -2.12 -12.66 -2.74
CL CL G . 16.42 -18.15 -11.08
MG MG H . -12.59 -1.42 3.86
#